data_1GGI
#
_entry.id   1GGI
#
_cell.length_a   130.330
_cell.length_b   52.570
_cell.length_c   82.040
_cell.angle_alpha   90.00
_cell.angle_beta   97.50
_cell.angle_gamma   90.00
#
_symmetry.space_group_name_H-M   'P 1 21 1'
#
loop_
_entity.id
_entity.type
_entity.pdbx_description
1 polymer 'IGG2A 50.1 FAB (LIGHT CHAIN)'
2 polymer 'IGG2A 50.1 FAB (HEAVY CHAIN)'
3 polymer 'HIV-1 V3 LOOP PEPTIDE ANTIGEN'
#
loop_
_entity_poly.entity_id
_entity_poly.type
_entity_poly.pdbx_seq_one_letter_code
_entity_poly.pdbx_strand_id
1 'polypeptide(L)'
;DIVLTQSPGSLAVSLGQRATISCRASESVDDDGNSFLHWYQQKPGQPPKLLIYRSSNLISGIPDRFSGSGSRTDFTLTIN
PVEADDVATYYCQQSNEDPLTFGAGTKLEIKRADAAPTVSIFPPSSEQLTSGGASVVCFLNNFYPKDINVKWKIDGSERQ
NGVLNSWTDQDSKDSTYSMSSTLTLTKDEYERHNSYTCEATHKTSTSPIVKSFNRNEC
;
L,M
2 'polypeptide(L)'
;QVQLKESGPGILQPSQTLSLTCSFSGFSLSTYGMGVSWIRQPSGKGLEWLAHIFWDGDKRYNPSLKSRLKISKDTSNNQV
FLKITSVDTADTATYYCVQEGYIYWGQGTSVTVSSAKTTAPSVYPLAPVCGDTTGSSVTLGCLVKGYFPEPVTLTWNSGS
LSSGVHTFPAVLQSDLYTLSSSVTVTSSTWPSQSITCNVAHPASSTKVDKKIEPRGPTIKPC
;
H,J
3 'polypeptide(L)' CKRIHIGPGRAFYTTC P,Q
#
# COMPACT_ATOMS: atom_id res chain seq x y z
N ASP A 1 -19.20 -25.75 33.87
CA ASP A 1 -20.16 -26.00 32.81
C ASP A 1 -20.17 -27.45 32.33
N ILE A 2 -21.30 -28.02 31.89
CA ILE A 2 -21.23 -29.33 31.28
C ILE A 2 -20.96 -29.10 29.78
N VAL A 3 -19.84 -29.48 29.22
CA VAL A 3 -19.52 -29.22 27.82
C VAL A 3 -19.88 -30.38 26.93
N LEU A 4 -20.70 -30.15 25.92
CA LEU A 4 -21.18 -31.16 24.96
C LEU A 4 -20.45 -31.24 23.60
N THR A 5 -19.86 -32.36 23.34
CA THR A 5 -19.09 -32.46 22.12
C THR A 5 -19.71 -33.39 21.12
N GLN A 6 -20.10 -32.75 20.04
CA GLN A 6 -20.67 -33.46 18.91
C GLN A 6 -19.72 -33.80 17.78
N SER A 7 -19.86 -35.05 17.37
CA SER A 7 -19.20 -35.60 16.23
C SER A 7 -20.30 -36.37 15.52
N PRO A 8 -20.37 -36.42 14.20
CA PRO A 8 -19.46 -35.75 13.28
C PRO A 8 -19.68 -34.24 13.21
N GLY A 9 -18.73 -33.38 12.81
CA GLY A 9 -19.06 -31.95 12.58
C GLY A 9 -19.81 -31.68 11.27
N SER A 10 -19.67 -32.62 10.35
CA SER A 10 -20.25 -32.56 9.01
C SER A 10 -20.49 -33.99 8.58
N LEU A 11 -21.61 -34.16 7.90
CA LEU A 11 -22.02 -35.47 7.43
C LEU A 11 -22.56 -35.56 6.00
N ALA A 12 -21.81 -36.10 5.02
CA ALA A 12 -22.38 -36.32 3.69
C ALA A 12 -23.07 -37.69 3.68
N VAL A 13 -24.38 -37.75 3.47
CA VAL A 13 -25.10 -39.02 3.44
C VAL A 13 -25.98 -39.12 2.23
N SER A 14 -26.25 -40.28 1.67
CA SER A 14 -27.23 -40.36 0.60
C SER A 14 -28.64 -40.57 1.10
N LEU A 15 -29.68 -40.26 0.33
CA LEU A 15 -31.04 -40.54 0.81
C LEU A 15 -31.28 -42.02 1.19
N GLY A 16 -32.25 -42.34 2.05
CA GLY A 16 -32.66 -43.71 2.32
C GLY A 16 -31.67 -44.56 3.10
N GLN A 17 -30.49 -44.01 3.35
CA GLN A 17 -29.51 -44.70 4.15
C GLN A 17 -29.58 -44.29 5.62
N ARG A 18 -28.75 -44.90 6.44
CA ARG A 18 -28.71 -44.59 7.87
C ARG A 18 -27.66 -43.53 8.19
N ALA A 19 -28.03 -42.69 9.14
CA ALA A 19 -27.12 -41.66 9.57
C ALA A 19 -27.10 -41.51 11.07
N THR A 20 -25.91 -41.68 11.62
CA THR A 20 -25.75 -41.53 13.07
C THR A 20 -24.89 -40.35 13.45
N ILE A 21 -25.41 -39.67 14.49
CA ILE A 21 -24.85 -38.46 15.11
C ILE A 21 -24.53 -38.67 16.58
N SER A 22 -23.46 -38.11 17.08
CA SER A 22 -23.16 -38.29 18.49
C SER A 22 -22.88 -37.12 19.40
N CYS A 23 -23.47 -37.15 20.56
CA CYS A 23 -23.21 -36.15 21.57
C CYS A 23 -22.57 -36.67 22.87
N ARG A 24 -21.37 -36.33 23.39
CA ARG A 24 -20.90 -36.80 24.72
C ARG A 24 -20.71 -35.67 25.74
N ALA A 25 -21.22 -35.81 26.96
CA ALA A 25 -21.10 -34.77 27.97
C ALA A 25 -19.86 -34.77 28.82
N SER A 26 -19.32 -33.63 29.23
CA SER A 26 -18.22 -33.60 30.19
C SER A 26 -18.61 -34.38 31.46
N GLU A 27 -19.84 -34.37 32.03
CA GLU A 27 -20.22 -35.28 33.11
C GLU A 27 -21.60 -35.89 32.98
N SER A 28 -22.08 -36.70 33.89
CA SER A 28 -23.44 -37.26 33.81
C SER A 28 -24.48 -36.16 33.69
N VAL A 29 -25.41 -36.31 32.75
CA VAL A 29 -26.53 -35.38 32.68
C VAL A 29 -27.87 -35.97 33.11
N ASP A 30 -27.72 -36.97 34.00
CA ASP A 30 -28.80 -37.83 34.53
C ASP A 30 -29.23 -37.57 35.94
N ASP A 31 -30.48 -37.66 36.40
CA ASP A 31 -30.79 -37.75 37.87
C ASP A 31 -30.13 -38.96 38.58
N ASP A 32 -30.47 -39.98 37.76
CA ASP A 32 -30.29 -41.41 37.76
C ASP A 32 -31.62 -42.11 37.67
N GLY A 33 -31.66 -42.36 36.36
CA GLY A 33 -32.79 -42.87 35.62
C GLY A 33 -32.84 -42.02 34.36
N ASN A 34 -33.90 -41.26 34.14
CA ASN A 34 -33.98 -40.33 33.02
C ASN A 34 -32.82 -39.35 32.79
N SER A 35 -32.44 -39.11 31.56
CA SER A 35 -31.34 -38.18 31.31
C SER A 35 -31.76 -36.83 30.76
N PHE A 36 -31.02 -35.77 30.98
CA PHE A 36 -31.38 -34.49 30.45
C PHE A 36 -30.58 -34.02 29.20
N LEU A 37 -30.58 -34.90 28.21
CA LEU A 37 -30.02 -34.63 26.90
C LEU A 37 -31.12 -34.61 25.84
N HIS A 38 -31.27 -33.54 25.07
CA HIS A 38 -32.33 -33.45 24.07
C HIS A 38 -31.72 -33.10 22.74
N TRP A 39 -32.48 -33.22 21.64
CA TRP A 39 -31.93 -33.06 20.30
C TRP A 39 -32.80 -32.13 19.50
N TYR A 40 -32.18 -31.16 18.85
CA TYR A 40 -32.88 -30.07 18.12
C TYR A 40 -32.51 -30.13 16.64
N GLN A 41 -33.46 -29.93 15.75
CA GLN A 41 -33.11 -29.79 14.34
C GLN A 41 -33.24 -28.34 13.88
N GLN A 42 -32.25 -27.76 13.19
CA GLN A 42 -32.35 -26.38 12.80
C GLN A 42 -32.24 -26.21 11.31
N LYS A 43 -33.31 -25.82 10.63
CA LYS A 43 -33.23 -25.62 9.21
C LYS A 43 -32.82 -24.18 9.00
N PRO A 44 -32.01 -23.86 7.98
CA PRO A 44 -31.46 -22.52 7.78
C PRO A 44 -32.62 -21.55 7.63
N GLY A 45 -32.55 -20.47 8.37
CA GLY A 45 -33.63 -19.50 8.45
C GLY A 45 -34.48 -19.69 9.72
N GLN A 46 -34.80 -20.94 10.04
CA GLN A 46 -35.64 -21.14 11.21
C GLN A 46 -34.92 -21.25 12.54
N PRO A 47 -35.68 -21.07 13.62
CA PRO A 47 -35.33 -21.51 14.97
C PRO A 47 -34.99 -22.98 15.08
N PRO A 48 -34.21 -23.46 16.03
CA PRO A 48 -34.10 -24.89 16.33
C PRO A 48 -35.46 -25.45 16.63
N LYS A 49 -35.69 -26.68 16.23
CA LYS A 49 -36.93 -27.45 16.44
C LYS A 49 -36.75 -28.63 17.37
N LEU A 50 -37.34 -28.65 18.54
CA LEU A 50 -37.09 -29.82 19.38
C LEU A 50 -37.77 -31.07 18.81
N LEU A 51 -36.91 -32.09 18.72
CA LEU A 51 -37.20 -33.40 18.15
C LEU A 51 -37.48 -34.55 19.07
N ILE A 52 -36.53 -34.65 20.00
CA ILE A 52 -36.33 -35.72 20.99
C ILE A 52 -36.01 -35.13 22.37
N TYR A 53 -36.65 -35.56 23.43
CA TYR A 53 -36.42 -35.03 24.76
C TYR A 53 -36.08 -36.08 25.78
N ARG A 54 -35.15 -35.86 26.70
CA ARG A 54 -34.70 -36.84 27.68
C ARG A 54 -34.17 -38.19 27.16
N SER A 55 -33.41 -37.98 26.07
CA SER A 55 -32.58 -38.92 25.32
C SER A 55 -33.27 -39.76 24.29
N SER A 56 -34.46 -40.21 24.66
CA SER A 56 -35.15 -41.26 23.90
C SER A 56 -36.55 -41.00 23.40
N ASN A 57 -37.22 -40.07 24.08
CA ASN A 57 -38.57 -39.62 23.75
C ASN A 57 -38.76 -38.67 22.59
N LEU A 58 -39.51 -39.17 21.63
CA LEU A 58 -39.84 -38.44 20.43
C LEU A 58 -40.87 -37.39 20.77
N ILE A 59 -40.74 -36.18 20.26
CA ILE A 59 -41.76 -35.16 20.51
C ILE A 59 -42.95 -35.55 19.62
N SER A 60 -44.20 -35.39 20.06
CA SER A 60 -45.36 -35.66 19.18
C SER A 60 -45.29 -35.04 17.78
N GLY A 61 -45.43 -35.89 16.78
CA GLY A 61 -45.45 -35.44 15.40
C GLY A 61 -44.11 -35.59 14.68
N ILE A 62 -42.99 -35.75 15.39
CA ILE A 62 -41.72 -36.00 14.70
C ILE A 62 -41.67 -37.41 14.07
N PRO A 63 -41.10 -37.64 12.87
CA PRO A 63 -40.98 -38.97 12.28
C PRO A 63 -40.13 -39.94 13.08
N ASP A 64 -40.70 -41.14 13.20
CA ASP A 64 -40.14 -42.27 13.94
C ASP A 64 -38.77 -42.74 13.54
N ARG A 65 -38.38 -42.24 12.38
CA ARG A 65 -37.03 -42.39 11.87
C ARG A 65 -35.91 -41.81 12.77
N PHE A 66 -36.35 -40.93 13.67
CA PHE A 66 -35.55 -40.21 14.63
C PHE A 66 -35.49 -40.91 15.96
N SER A 67 -34.34 -41.38 16.40
CA SER A 67 -34.31 -42.06 17.67
C SER A 67 -33.12 -41.60 18.42
N GLY A 68 -33.19 -41.78 19.72
CA GLY A 68 -32.14 -41.39 20.61
C GLY A 68 -31.87 -42.48 21.60
N SER A 69 -30.62 -42.58 21.94
CA SER A 69 -30.19 -43.65 22.83
C SER A 69 -29.26 -43.03 23.87
N GLY A 70 -28.56 -43.83 24.67
CA GLY A 70 -27.52 -43.35 25.57
C GLY A 70 -28.00 -42.97 26.95
N SER A 71 -27.00 -42.88 27.84
CA SER A 71 -27.18 -42.50 29.25
C SER A 71 -25.89 -41.95 29.86
N ARG A 72 -25.99 -41.34 31.04
CA ARG A 72 -24.87 -40.74 31.77
C ARG A 72 -24.08 -39.80 30.85
N THR A 73 -22.95 -40.10 30.21
CA THR A 73 -22.28 -39.14 29.33
C THR A 73 -22.33 -39.41 27.83
N ASP A 74 -22.77 -40.56 27.35
CA ASP A 74 -22.70 -40.81 25.93
C ASP A 74 -24.00 -41.09 25.28
N PHE A 75 -24.32 -40.11 24.47
CA PHE A 75 -25.57 -40.08 23.74
C PHE A 75 -25.42 -40.06 22.21
N THR A 76 -26.38 -40.73 21.55
CA THR A 76 -26.37 -40.84 20.10
C THR A 76 -27.77 -40.70 19.47
N LEU A 77 -27.83 -39.96 18.36
CA LEU A 77 -29.02 -39.70 17.58
C LEU A 77 -28.97 -40.38 16.21
N THR A 78 -30.02 -41.11 15.85
CA THR A 78 -30.08 -41.90 14.61
C THR A 78 -31.22 -41.48 13.71
N ILE A 79 -30.95 -41.29 12.44
CA ILE A 79 -31.95 -40.93 11.44
C ILE A 79 -31.86 -42.03 10.42
N ASN A 80 -32.97 -42.74 10.28
CA ASN A 80 -32.96 -43.87 9.38
C ASN A 80 -34.33 -44.27 8.90
N PRO A 81 -34.64 -44.17 7.58
CA PRO A 81 -33.77 -43.71 6.49
C PRO A 81 -33.55 -42.19 6.28
N VAL A 82 -32.43 -41.56 5.98
CA VAL A 82 -32.44 -40.10 5.83
C VAL A 82 -33.20 -39.69 4.59
N GLU A 83 -34.32 -39.01 4.82
CA GLU A 83 -35.04 -38.38 3.70
C GLU A 83 -34.46 -37.00 3.49
N ALA A 84 -34.43 -36.55 2.23
CA ALA A 84 -33.87 -35.27 1.81
C ALA A 84 -34.23 -33.95 2.50
N ASP A 85 -35.18 -34.04 3.40
CA ASP A 85 -35.46 -32.85 4.16
C ASP A 85 -35.02 -32.97 5.63
N ASP A 86 -34.00 -33.79 5.86
CA ASP A 86 -33.32 -33.80 7.15
C ASP A 86 -31.93 -33.15 7.06
N VAL A 87 -31.71 -32.54 5.88
CA VAL A 87 -30.52 -31.81 5.51
C VAL A 87 -30.63 -30.51 6.26
N ALA A 88 -30.02 -30.64 7.43
CA ALA A 88 -30.16 -29.65 8.47
C ALA A 88 -29.00 -29.62 9.42
N THR A 89 -28.99 -28.77 10.39
CA THR A 89 -27.98 -28.94 11.41
C THR A 89 -28.65 -29.50 12.68
N TYR A 90 -27.98 -30.46 13.32
CA TYR A 90 -28.50 -31.04 14.54
C TYR A 90 -27.66 -30.68 15.74
N TYR A 91 -28.34 -30.35 16.81
CA TYR A 91 -27.60 -29.98 18.00
C TYR A 91 -28.09 -30.80 19.15
N CYS A 92 -27.19 -31.10 20.07
CA CYS A 92 -27.69 -31.67 21.31
C CYS A 92 -27.68 -30.65 22.43
N GLN A 93 -28.47 -30.89 23.45
CA GLN A 93 -28.60 -29.93 24.52
C GLN A 93 -28.73 -30.62 25.84
N GLN A 94 -28.08 -30.09 26.85
CA GLN A 94 -28.25 -30.65 28.17
C GLN A 94 -29.03 -29.71 29.07
N SER A 95 -29.93 -30.24 29.91
CA SER A 95 -30.59 -29.37 30.85
C SER A 95 -30.55 -29.89 32.26
N ASN A 96 -29.49 -30.62 32.56
CA ASN A 96 -29.27 -31.10 33.93
C ASN A 96 -28.78 -29.95 34.83
N GLU A 97 -27.78 -29.18 34.36
CA GLU A 97 -27.26 -28.05 35.11
C GLU A 97 -27.12 -26.84 34.24
N ASP A 98 -27.57 -25.73 34.83
CA ASP A 98 -27.31 -24.42 34.28
C ASP A 98 -25.81 -24.17 34.49
N PRO A 99 -25.20 -23.45 33.58
CA PRO A 99 -25.79 -22.93 32.38
C PRO A 99 -26.21 -24.00 31.39
N LEU A 100 -27.26 -23.70 30.69
CA LEU A 100 -27.72 -24.62 29.70
C LEU A 100 -26.85 -24.56 28.48
N THR A 101 -26.21 -25.66 28.22
CA THR A 101 -25.34 -25.81 27.07
C THR A 101 -25.91 -26.68 25.93
N PHE A 102 -25.45 -26.32 24.74
CA PHE A 102 -25.71 -26.99 23.47
C PHE A 102 -24.37 -27.42 22.82
N GLY A 103 -24.30 -28.41 21.94
CA GLY A 103 -23.04 -28.75 21.27
C GLY A 103 -22.79 -27.95 20.00
N ALA A 104 -21.61 -28.03 19.41
CA ALA A 104 -21.30 -27.37 18.15
C ALA A 104 -22.22 -27.53 16.88
N GLY A 105 -23.10 -28.51 16.89
CA GLY A 105 -23.92 -28.84 15.73
C GLY A 105 -23.34 -29.84 14.75
N THR A 106 -24.09 -30.83 14.28
CA THR A 106 -23.60 -31.66 13.17
C THR A 106 -24.42 -31.25 11.95
N LYS A 107 -23.84 -30.99 10.77
CA LYS A 107 -24.77 -30.70 9.68
C LYS A 107 -24.83 -31.83 8.69
N LEU A 108 -26.05 -32.16 8.36
CA LEU A 108 -26.29 -33.19 7.37
C LEU A 108 -26.32 -32.50 6.03
N GLU A 109 -25.46 -33.00 5.16
CA GLU A 109 -25.44 -32.62 3.76
C GLU A 109 -25.64 -33.87 2.85
N ILE A 110 -26.57 -33.88 1.90
CA ILE A 110 -26.66 -34.94 0.91
C ILE A 110 -25.33 -35.18 0.13
N LYS A 111 -25.06 -36.47 -0.15
CA LYS A 111 -23.98 -36.84 -1.07
C LYS A 111 -24.50 -37.04 -2.52
N ARG A 112 -23.73 -36.69 -3.54
CA ARG A 112 -24.08 -36.88 -4.92
C ARG A 112 -22.83 -37.10 -5.73
N ALA A 113 -22.98 -37.30 -7.03
CA ALA A 113 -21.80 -37.53 -7.88
C ALA A 113 -20.97 -36.27 -8.02
N ASP A 114 -19.72 -36.41 -8.41
CA ASP A 114 -18.95 -35.22 -8.69
C ASP A 114 -19.49 -34.48 -9.91
N ALA A 115 -19.39 -33.19 -9.73
CA ALA A 115 -19.66 -32.28 -10.82
C ALA A 115 -18.61 -31.21 -10.68
N ALA A 116 -17.96 -30.90 -11.80
CA ALA A 116 -16.99 -29.83 -11.80
C ALA A 116 -17.72 -28.47 -11.98
N PRO A 117 -17.13 -27.39 -11.42
CA PRO A 117 -17.63 -26.03 -11.53
C PRO A 117 -17.56 -25.27 -12.86
N THR A 118 -18.66 -24.70 -13.35
CA THR A 118 -18.57 -23.90 -14.57
C THR A 118 -18.26 -22.51 -14.15
N VAL A 119 -16.96 -22.25 -14.09
CA VAL A 119 -16.35 -20.95 -13.78
C VAL A 119 -16.68 -19.95 -14.87
N SER A 120 -16.76 -18.66 -14.57
CA SER A 120 -16.97 -17.59 -15.57
C SER A 120 -16.43 -16.30 -15.04
N ILE A 121 -15.83 -15.44 -15.85
CA ILE A 121 -15.19 -14.27 -15.31
C ILE A 121 -15.84 -12.93 -15.69
N PHE A 122 -15.75 -11.95 -14.82
CA PHE A 122 -16.37 -10.67 -15.05
C PHE A 122 -15.34 -9.59 -14.88
N PRO A 123 -14.97 -8.78 -15.85
CA PRO A 123 -14.26 -7.54 -15.63
C PRO A 123 -15.11 -6.52 -14.87
N PRO A 124 -14.51 -5.39 -14.52
CA PRO A 124 -15.26 -4.28 -14.02
C PRO A 124 -16.14 -3.59 -15.06
N SER A 125 -17.37 -3.34 -14.61
CA SER A 125 -18.29 -2.52 -15.38
C SER A 125 -17.74 -1.14 -15.23
N SER A 126 -17.61 -0.53 -16.38
CA SER A 126 -17.22 0.88 -16.59
C SER A 126 -17.53 1.83 -15.46
N GLU A 127 -18.76 1.63 -14.94
CA GLU A 127 -19.39 2.39 -13.86
C GLU A 127 -18.58 2.39 -12.59
N GLN A 128 -18.11 1.19 -12.27
CA GLN A 128 -17.22 1.05 -11.15
C GLN A 128 -15.91 1.80 -11.42
N LEU A 129 -15.38 1.62 -12.64
CA LEU A 129 -14.13 2.29 -12.99
C LEU A 129 -14.31 3.78 -12.89
N THR A 130 -15.42 4.33 -13.37
CA THR A 130 -15.59 5.78 -13.29
C THR A 130 -15.50 6.28 -11.85
N SER A 131 -15.89 5.50 -10.84
CA SER A 131 -15.74 5.98 -9.45
C SER A 131 -14.53 5.46 -8.65
N GLY A 132 -13.41 5.15 -9.34
CA GLY A 132 -12.11 4.88 -8.70
C GLY A 132 -11.77 3.47 -8.22
N GLY A 133 -12.72 2.52 -8.32
CA GLY A 133 -12.58 1.17 -7.77
C GLY A 133 -12.80 0.05 -8.80
N ALA A 134 -11.94 -0.95 -8.85
CA ALA A 134 -12.15 -2.06 -9.76
C ALA A 134 -12.38 -3.43 -9.16
N SER A 135 -13.51 -4.04 -9.47
CA SER A 135 -13.74 -5.41 -9.00
C SER A 135 -13.81 -6.37 -10.16
N VAL A 136 -12.94 -7.37 -10.19
CA VAL A 136 -13.01 -8.44 -11.20
C VAL A 136 -13.75 -9.59 -10.52
N VAL A 137 -14.74 -10.27 -11.07
CA VAL A 137 -15.54 -11.26 -10.33
C VAL A 137 -15.51 -12.64 -10.95
N CYS A 138 -15.14 -13.68 -10.23
CA CYS A 138 -15.21 -15.01 -10.80
C CYS A 138 -16.38 -15.84 -10.28
N PHE A 139 -17.31 -16.30 -11.12
CA PHE A 139 -18.34 -17.24 -10.68
C PHE A 139 -17.99 -18.71 -11.00
N LEU A 140 -17.71 -19.46 -9.93
CA LEU A 140 -17.43 -20.89 -10.01
C LEU A 140 -18.73 -21.62 -9.69
N ASN A 141 -19.64 -21.96 -10.61
CA ASN A 141 -20.94 -22.48 -10.17
C ASN A 141 -21.22 -23.96 -10.42
N ASN A 142 -22.12 -24.52 -9.61
CA ASN A 142 -22.66 -25.89 -9.70
C ASN A 142 -21.72 -27.06 -9.59
N PHE A 143 -20.98 -27.09 -8.49
CA PHE A 143 -20.05 -28.20 -8.26
C PHE A 143 -20.25 -29.04 -7.03
N TYR A 144 -19.86 -30.29 -7.08
CA TYR A 144 -19.87 -31.14 -5.93
C TYR A 144 -18.49 -31.78 -5.91
N PRO A 145 -17.71 -31.92 -4.80
CA PRO A 145 -17.99 -31.46 -3.44
C PRO A 145 -17.71 -29.99 -3.18
N LYS A 146 -17.78 -29.66 -1.89
CA LYS A 146 -17.66 -28.27 -1.44
C LYS A 146 -16.31 -27.64 -1.63
N ASP A 147 -15.30 -28.38 -1.21
CA ASP A 147 -13.92 -27.92 -1.18
C ASP A 147 -13.40 -27.61 -2.58
N ILE A 148 -13.07 -26.33 -2.71
CA ILE A 148 -12.53 -25.79 -3.94
C ILE A 148 -11.53 -24.70 -3.55
N ASN A 149 -10.71 -24.35 -4.51
CA ASN A 149 -9.63 -23.38 -4.32
C ASN A 149 -9.52 -22.46 -5.51
N VAL A 150 -9.42 -21.14 -5.25
CA VAL A 150 -9.41 -20.13 -6.32
C VAL A 150 -8.11 -19.28 -6.40
N LYS A 151 -7.15 -19.38 -7.32
CA LYS A 151 -5.98 -18.49 -7.29
C LYS A 151 -6.17 -17.25 -8.18
N TRP A 152 -5.92 -16.03 -7.66
CA TRP A 152 -6.05 -14.86 -8.51
C TRP A 152 -4.67 -14.43 -8.99
N LYS A 153 -4.50 -14.60 -10.28
CA LYS A 153 -3.26 -14.24 -10.94
C LYS A 153 -3.37 -13.04 -11.86
N ILE A 154 -2.57 -11.99 -11.66
CA ILE A 154 -2.54 -10.73 -12.44
C ILE A 154 -1.25 -10.61 -13.29
N ASP A 155 -1.26 -10.51 -14.64
CA ASP A 155 -0.09 -10.52 -15.57
C ASP A 155 0.60 -11.91 -15.56
N GLY A 156 0.06 -12.82 -14.76
CA GLY A 156 0.73 -14.08 -14.46
C GLY A 156 1.20 -14.12 -12.98
N SER A 157 1.38 -13.02 -12.27
CA SER A 157 1.78 -13.13 -10.87
C SER A 157 0.62 -13.41 -9.92
N GLU A 158 0.82 -14.33 -8.99
CA GLU A 158 -0.19 -14.62 -7.98
C GLU A 158 -0.65 -13.35 -7.24
N ARG A 159 -1.86 -13.23 -6.73
CA ARG A 159 -2.34 -12.07 -5.98
C ARG A 159 -3.39 -12.46 -4.93
N GLN A 160 -3.11 -12.37 -3.62
CA GLN A 160 -4.09 -12.72 -2.59
C GLN A 160 -4.78 -11.62 -1.81
N ASN A 161 -4.13 -10.46 -1.75
CA ASN A 161 -4.69 -9.31 -1.04
C ASN A 161 -5.94 -8.74 -1.69
N GLY A 162 -7.05 -8.78 -0.99
CA GLY A 162 -8.27 -8.21 -1.53
C GLY A 162 -9.18 -9.17 -2.25
N VAL A 163 -9.09 -10.41 -1.85
CA VAL A 163 -10.01 -11.38 -2.38
C VAL A 163 -11.04 -11.57 -1.26
N LEU A 164 -12.28 -11.59 -1.68
CA LEU A 164 -13.43 -11.64 -0.79
C LEU A 164 -14.30 -12.78 -1.29
N ASN A 165 -14.12 -13.95 -0.68
CA ASN A 165 -14.78 -15.19 -1.10
C ASN A 165 -16.12 -15.57 -0.52
N SER A 166 -17.11 -16.02 -1.30
CA SER A 166 -18.42 -16.41 -0.75
C SER A 166 -19.10 -17.71 -1.23
N TRP A 167 -19.53 -18.62 -0.33
CA TRP A 167 -20.32 -19.81 -0.73
C TRP A 167 -21.78 -19.82 -0.42
N THR A 168 -22.46 -20.56 -1.25
CA THR A 168 -23.84 -20.92 -1.04
C THR A 168 -23.79 -22.24 -0.30
N ASP A 169 -24.75 -22.59 0.55
CA ASP A 169 -24.73 -23.98 0.99
C ASP A 169 -25.42 -24.91 -0.06
N GLN A 170 -25.64 -26.19 0.28
CA GLN A 170 -26.36 -27.19 -0.48
C GLN A 170 -27.49 -26.70 -1.43
N ASP A 171 -27.30 -26.46 -2.73
CA ASP A 171 -28.43 -26.13 -3.61
C ASP A 171 -29.44 -27.28 -3.63
N SER A 172 -30.42 -27.26 -2.73
CA SER A 172 -31.46 -28.29 -2.56
C SER A 172 -31.94 -29.06 -3.79
N LYS A 173 -32.23 -28.40 -4.89
CA LYS A 173 -32.63 -29.11 -6.09
C LYS A 173 -31.44 -29.15 -7.06
N ASP A 174 -30.70 -30.23 -6.81
CA ASP A 174 -29.50 -30.81 -7.47
C ASP A 174 -28.24 -30.96 -6.59
N SER A 175 -28.42 -30.56 -5.35
CA SER A 175 -27.50 -30.88 -4.29
C SER A 175 -26.04 -30.52 -4.47
N THR A 176 -25.94 -29.31 -5.00
CA THR A 176 -24.66 -28.71 -5.38
C THR A 176 -24.10 -27.47 -4.66
N TYR A 177 -22.90 -27.03 -4.93
CA TYR A 177 -22.39 -25.78 -4.39
C TYR A 177 -21.96 -24.70 -5.41
N SER A 178 -22.10 -23.44 -5.08
CA SER A 178 -21.68 -22.38 -5.96
C SER A 178 -20.90 -21.46 -5.08
N MET A 179 -20.03 -20.71 -5.70
CA MET A 179 -19.11 -19.81 -5.02
C MET A 179 -18.77 -18.67 -5.95
N SER A 180 -18.64 -17.52 -5.30
CA SER A 180 -18.40 -16.18 -5.84
C SER A 180 -17.06 -15.61 -5.40
N SER A 181 -16.02 -15.45 -6.21
CA SER A 181 -14.79 -14.87 -5.70
C SER A 181 -14.49 -13.52 -6.29
N THR A 182 -14.52 -12.48 -5.46
CA THR A 182 -14.26 -11.09 -5.91
C THR A 182 -12.90 -10.47 -5.60
N LEU A 183 -12.07 -10.10 -6.57
CA LEU A 183 -10.81 -9.37 -6.35
C LEU A 183 -11.07 -7.88 -6.51
N THR A 184 -10.93 -7.08 -5.48
CA THR A 184 -11.12 -5.67 -5.74
C THR A 184 -9.84 -4.86 -5.62
N LEU A 185 -9.41 -4.29 -6.74
CA LEU A 185 -8.22 -3.44 -6.76
C LEU A 185 -8.62 -1.96 -6.79
N THR A 186 -7.69 -1.03 -6.97
CA THR A 186 -8.06 0.35 -7.26
C THR A 186 -8.08 0.52 -8.77
N LYS A 187 -8.86 1.46 -9.32
CA LYS A 187 -8.92 1.69 -10.76
C LYS A 187 -7.54 1.98 -11.31
N ASP A 188 -6.70 2.72 -10.56
CA ASP A 188 -5.35 3.05 -11.03
C ASP A 188 -4.43 1.85 -11.20
N GLU A 189 -4.43 1.05 -10.16
CA GLU A 189 -3.69 -0.18 -10.13
C GLU A 189 -4.10 -1.17 -11.24
N TYR A 190 -5.41 -1.23 -11.36
CA TYR A 190 -6.10 -2.00 -12.36
C TYR A 190 -5.62 -1.56 -13.73
N GLU A 191 -5.58 -0.26 -13.99
CA GLU A 191 -5.19 0.17 -15.31
C GLU A 191 -3.75 -0.02 -15.75
N ARG A 192 -2.96 -0.66 -14.88
CA ARG A 192 -1.56 -0.85 -15.18
C ARG A 192 -1.18 -2.28 -15.55
N HIS A 193 -2.14 -3.21 -15.56
CA HIS A 193 -1.83 -4.59 -15.98
C HIS A 193 -2.80 -5.08 -17.04
N ASN A 194 -2.37 -5.94 -17.95
CA ASN A 194 -3.29 -6.34 -18.99
C ASN A 194 -4.08 -7.63 -18.69
N SER A 195 -3.56 -8.49 -17.80
CA SER A 195 -4.13 -9.80 -17.63
C SER A 195 -4.69 -10.32 -16.29
N TYR A 196 -6.01 -10.44 -16.18
CA TYR A 196 -6.63 -10.91 -14.94
C TYR A 196 -7.15 -12.27 -15.31
N THR A 197 -6.78 -13.23 -14.48
CA THR A 197 -7.14 -14.63 -14.66
C THR A 197 -7.45 -15.31 -13.29
N CYS A 198 -8.36 -16.28 -13.28
CA CYS A 198 -8.82 -16.91 -12.06
C CYS A 198 -8.77 -18.43 -12.10
N GLU A 199 -7.90 -18.99 -11.24
CA GLU A 199 -7.69 -20.44 -11.20
C GLU A 199 -8.45 -21.23 -10.14
N ALA A 200 -9.14 -22.27 -10.58
CA ALA A 200 -9.92 -23.10 -9.70
C ALA A 200 -9.38 -24.50 -9.75
N THR A 201 -9.05 -25.08 -8.63
CA THR A 201 -8.64 -26.48 -8.64
C THR A 201 -9.67 -27.31 -7.88
N HIS A 202 -10.29 -28.29 -8.49
CA HIS A 202 -11.32 -29.06 -7.79
C HIS A 202 -10.89 -30.50 -7.85
N LYS A 203 -11.26 -31.29 -6.84
CA LYS A 203 -11.11 -32.76 -6.87
C LYS A 203 -11.30 -33.29 -8.28
N THR A 204 -12.33 -32.79 -9.02
CA THR A 204 -12.59 -33.19 -10.42
C THR A 204 -11.59 -32.79 -11.52
N SER A 205 -10.36 -32.38 -11.17
CA SER A 205 -9.31 -32.14 -12.17
C SER A 205 -7.83 -32.26 -11.85
N THR A 206 -7.11 -32.45 -12.96
CA THR A 206 -5.64 -32.42 -12.92
C THR A 206 -5.11 -31.17 -13.58
N SER A 207 -6.01 -30.42 -14.16
CA SER A 207 -5.64 -29.09 -14.60
C SER A 207 -6.21 -28.19 -13.51
N PRO A 208 -5.74 -26.97 -13.39
CA PRO A 208 -6.61 -25.93 -12.90
C PRO A 208 -7.71 -25.63 -13.93
N ILE A 209 -8.98 -25.44 -13.59
CA ILE A 209 -9.95 -24.92 -14.57
C ILE A 209 -9.75 -23.41 -14.42
N VAL A 210 -9.03 -22.87 -15.41
CA VAL A 210 -8.60 -21.46 -15.45
C VAL A 210 -9.52 -20.52 -16.26
N LYS A 211 -9.72 -19.24 -15.79
CA LYS A 211 -10.43 -18.24 -16.58
C LYS A 211 -9.82 -16.87 -16.78
N SER A 212 -9.43 -16.63 -18.02
CA SER A 212 -8.71 -15.40 -18.31
C SER A 212 -9.35 -14.37 -19.18
N PHE A 213 -9.14 -13.10 -18.88
CA PHE A 213 -9.45 -12.07 -19.86
C PHE A 213 -8.28 -11.05 -19.94
N ASN A 214 -7.93 -10.54 -21.12
CA ASN A 214 -6.88 -9.53 -21.25
C ASN A 214 -7.60 -8.18 -21.32
N ARG A 215 -6.99 -7.06 -20.96
CA ARG A 215 -7.69 -5.79 -21.01
C ARG A 215 -7.70 -5.05 -22.36
N GLN B 1 -50.06 -22.43 17.87
CA GLN B 1 -50.84 -22.19 19.10
C GLN B 1 -50.44 -21.02 20.07
N VAL B 2 -49.19 -21.01 20.56
CA VAL B 2 -48.64 -19.93 21.37
C VAL B 2 -47.78 -19.03 20.48
N GLN B 3 -47.67 -17.73 20.72
CA GLN B 3 -46.77 -16.85 19.96
C GLN B 3 -45.64 -16.20 20.79
N LEU B 4 -44.45 -16.16 20.25
CA LEU B 4 -43.39 -15.46 20.89
C LEU B 4 -42.76 -14.51 19.83
N LYS B 5 -42.45 -13.25 20.16
CA LYS B 5 -41.88 -12.28 19.24
C LYS B 5 -41.00 -11.22 19.91
N GLU B 6 -39.84 -11.07 19.27
CA GLU B 6 -38.82 -10.18 19.77
C GLU B 6 -38.78 -8.79 19.22
N SER B 7 -38.21 -7.88 19.99
CA SER B 7 -38.08 -6.51 19.51
C SER B 7 -36.75 -6.02 19.95
N GLY B 8 -35.99 -5.62 18.90
CA GLY B 8 -34.58 -5.20 18.98
C GLY B 8 -34.16 -3.80 18.50
N PRO B 9 -33.05 -3.28 18.95
CA PRO B 9 -32.59 -1.95 18.60
C PRO B 9 -32.13 -1.81 17.16
N GLY B 10 -32.08 -2.97 16.48
CA GLY B 10 -31.60 -3.18 15.11
C GLY B 10 -30.08 -3.15 14.88
N ILE B 11 -29.48 -1.97 15.10
CA ILE B 11 -28.03 -1.72 14.99
C ILE B 11 -27.58 -1.06 16.31
N LEU B 12 -26.37 -1.25 16.79
CA LEU B 12 -25.92 -0.63 18.03
C LEU B 12 -24.47 -0.32 17.84
N GLN B 13 -24.08 0.84 18.39
CA GLN B 13 -22.67 1.21 18.46
C GLN B 13 -22.07 0.31 19.53
N PRO B 14 -20.82 -0.16 19.36
CA PRO B 14 -20.08 -0.79 20.41
C PRO B 14 -20.09 0.11 21.60
N SER B 15 -20.25 -0.70 22.62
CA SER B 15 -20.26 -0.33 24.01
C SER B 15 -21.46 0.51 24.36
N GLN B 16 -22.55 0.29 23.63
CA GLN B 16 -23.79 0.74 24.23
C GLN B 16 -24.44 -0.29 25.24
N THR B 17 -25.78 -0.38 25.28
CA THR B 17 -26.51 -1.42 25.99
C THR B 17 -27.70 -1.87 25.15
N LEU B 18 -27.74 -3.19 24.95
CA LEU B 18 -28.83 -3.82 24.19
C LEU B 18 -30.11 -4.07 24.98
N SER B 19 -31.18 -3.45 24.52
CA SER B 19 -32.54 -3.85 24.97
C SER B 19 -33.21 -4.83 24.03
N LEU B 20 -33.82 -5.80 24.67
CA LEU B 20 -34.61 -6.77 23.97
C LEU B 20 -35.90 -7.01 24.72
N THR B 21 -36.93 -7.21 23.93
CA THR B 21 -38.26 -7.42 24.46
C THR B 21 -38.87 -8.63 23.84
N CYS B 22 -39.44 -9.51 24.64
CA CYS B 22 -40.13 -10.68 24.16
C CYS B 22 -41.61 -10.57 24.47
N SER B 23 -42.40 -10.43 23.41
CA SER B 23 -43.84 -10.44 23.45
C SER B 23 -44.47 -11.77 23.19
N PHE B 24 -45.38 -12.11 24.05
CA PHE B 24 -46.01 -13.38 23.88
C PHE B 24 -47.51 -13.48 24.01
N SER B 25 -47.95 -14.64 23.62
CA SER B 25 -49.35 -14.96 23.74
C SER B 25 -49.45 -16.47 23.84
N GLY B 26 -50.46 -16.92 24.57
CA GLY B 26 -50.63 -18.34 24.81
C GLY B 26 -50.44 -18.70 26.28
N PHE B 27 -49.90 -17.82 27.13
CA PHE B 27 -49.72 -18.18 28.52
C PHE B 27 -49.43 -16.99 29.41
N SER B 28 -50.08 -16.82 30.55
CA SER B 28 -49.61 -15.73 31.43
C SER B 28 -48.39 -16.22 32.22
N LEU B 29 -47.46 -15.33 32.48
CA LEU B 29 -46.26 -15.69 33.20
C LEU B 29 -46.50 -15.82 34.70
N SER B 30 -47.73 -15.72 35.16
CA SER B 30 -48.04 -15.99 36.58
C SER B 30 -48.40 -17.45 36.87
N THR B 31 -48.68 -18.24 35.81
CA THR B 31 -49.08 -19.63 35.87
C THR B 31 -47.94 -20.46 36.43
N TYR B 32 -48.19 -21.25 37.44
CA TYR B 32 -47.13 -22.03 38.06
C TYR B 32 -46.49 -23.00 37.07
N GLY B 33 -45.16 -22.85 36.99
CA GLY B 33 -44.34 -23.63 36.07
C GLY B 33 -44.13 -22.85 34.78
N MET B 34 -44.59 -21.62 34.72
CA MET B 34 -44.23 -20.78 33.60
C MET B 34 -42.88 -20.10 33.72
N GLY B 35 -42.30 -19.77 32.57
CA GLY B 35 -41.05 -19.04 32.54
C GLY B 35 -40.54 -18.76 31.13
N VAL B 36 -39.66 -17.79 30.86
CA VAL B 36 -39.20 -17.61 29.49
C VAL B 36 -37.68 -17.47 29.36
N SER B 37 -37.11 -18.16 28.39
CA SER B 37 -35.67 -18.14 28.18
C SER B 37 -35.19 -17.23 27.07
N TRP B 38 -33.95 -16.73 27.09
CA TRP B 38 -33.41 -16.07 25.91
C TRP B 38 -32.13 -16.80 25.53
N ILE B 39 -32.09 -17.32 24.31
CA ILE B 39 -31.01 -18.13 23.73
C ILE B 39 -30.56 -17.19 22.63
N ARG B 40 -29.26 -17.22 22.34
CA ARG B 40 -28.57 -16.35 21.39
C ARG B 40 -27.78 -17.08 20.31
N GLN B 41 -28.08 -16.83 19.06
CA GLN B 41 -27.26 -17.41 18.02
C GLN B 41 -26.50 -16.41 17.18
N PRO B 42 -25.18 -16.53 17.16
CA PRO B 42 -24.23 -15.83 16.29
C PRO B 42 -24.43 -15.94 14.81
N SER B 43 -23.62 -15.44 13.86
CA SER B 43 -23.99 -15.71 12.45
C SER B 43 -23.38 -17.02 12.02
N GLY B 44 -24.31 -17.91 11.67
CA GLY B 44 -23.94 -19.24 11.24
C GLY B 44 -22.93 -19.92 12.18
N LYS B 45 -23.32 -19.87 13.45
CA LYS B 45 -22.59 -20.48 14.55
C LYS B 45 -23.66 -21.02 15.48
N GLY B 46 -23.25 -21.76 16.48
CA GLY B 46 -24.18 -22.48 17.35
C GLY B 46 -25.08 -21.71 18.28
N LEU B 47 -25.77 -22.47 19.12
CA LEU B 47 -26.60 -21.84 20.09
C LEU B 47 -25.92 -21.56 21.43
N GLU B 48 -26.21 -20.41 21.99
CA GLU B 48 -25.75 -20.14 23.33
C GLU B 48 -26.86 -19.74 24.32
N TRP B 49 -27.19 -20.40 25.44
CA TRP B 49 -28.25 -19.85 26.32
C TRP B 49 -27.77 -18.65 27.09
N LEU B 50 -28.57 -17.59 27.23
CA LEU B 50 -28.19 -16.38 27.96
C LEU B 50 -28.89 -16.25 29.30
N ALA B 51 -30.20 -16.17 29.33
CA ALA B 51 -30.81 -16.09 30.63
C ALA B 51 -32.19 -16.64 30.75
N HIS B 52 -32.74 -16.90 31.93
CA HIS B 52 -34.10 -17.43 32.00
C HIS B 52 -34.95 -16.84 33.08
N ILE B 53 -36.19 -16.44 32.97
CA ILE B 53 -36.91 -15.98 34.16
C ILE B 53 -38.07 -16.90 34.45
N PHE B 54 -38.34 -17.16 35.72
CA PHE B 54 -39.47 -18.04 36.08
C PHE B 54 -40.59 -17.23 36.66
N TRP B 55 -41.83 -17.76 36.57
CA TRP B 55 -43.10 -17.17 37.06
C TRP B 55 -43.01 -16.55 38.45
N ASP B 56 -42.30 -17.23 39.35
CA ASP B 56 -42.08 -16.83 40.75
C ASP B 56 -40.96 -15.81 41.03
N GLY B 57 -40.66 -15.12 39.94
CA GLY B 57 -39.58 -14.16 39.89
C GLY B 57 -38.17 -14.72 40.01
N ASP B 58 -37.77 -15.99 39.85
CA ASP B 58 -36.33 -16.24 39.91
C ASP B 58 -35.70 -16.43 38.51
N LYS B 59 -34.64 -15.63 38.51
CA LYS B 59 -33.84 -15.34 37.35
C LYS B 59 -32.68 -16.26 37.34
N ARG B 60 -32.17 -16.52 36.14
CA ARG B 60 -31.05 -17.43 35.90
C ARG B 60 -30.16 -16.80 34.88
N TYR B 61 -28.86 -16.80 35.08
CA TYR B 61 -28.04 -16.05 34.18
C TYR B 61 -26.86 -16.85 33.68
N ASN B 62 -26.50 -16.73 32.42
CA ASN B 62 -25.32 -17.42 31.96
C ASN B 62 -24.07 -17.00 32.72
N PRO B 63 -23.37 -17.74 33.56
CA PRO B 63 -22.45 -17.20 34.55
C PRO B 63 -21.17 -16.60 34.04
N SER B 64 -20.96 -16.74 32.74
CA SER B 64 -19.81 -16.14 32.08
C SER B 64 -20.29 -14.86 31.40
N LEU B 65 -21.60 -14.72 31.34
CA LEU B 65 -22.37 -13.55 30.89
C LEU B 65 -23.18 -12.88 32.00
N LYS B 66 -23.24 -13.45 33.20
CA LYS B 66 -24.00 -12.99 34.38
C LYS B 66 -23.79 -11.53 34.77
N SER B 67 -22.58 -11.11 34.44
CA SER B 67 -22.15 -9.74 34.61
C SER B 67 -23.06 -8.78 33.82
N ARG B 68 -23.06 -8.91 32.49
CA ARG B 68 -23.73 -8.02 31.55
C ARG B 68 -25.24 -8.25 31.32
N LEU B 69 -25.79 -9.40 31.77
CA LEU B 69 -27.22 -9.60 31.59
C LEU B 69 -28.09 -9.16 32.76
N LYS B 70 -29.38 -8.93 32.49
CA LYS B 70 -30.48 -8.65 33.45
C LYS B 70 -31.81 -8.93 32.80
N ILE B 71 -32.55 -9.89 33.29
CA ILE B 71 -33.88 -10.25 32.76
C ILE B 71 -34.94 -9.69 33.68
N SER B 72 -36.14 -9.51 33.14
CA SER B 72 -37.18 -8.90 33.95
C SER B 72 -38.48 -9.18 33.28
N LYS B 73 -39.53 -8.95 34.06
CA LYS B 73 -40.85 -9.16 33.51
C LYS B 73 -41.88 -8.11 33.82
N ASP B 74 -42.77 -8.03 32.88
CA ASP B 74 -43.93 -7.21 33.03
C ASP B 74 -45.00 -8.24 32.86
N THR B 75 -45.21 -8.96 33.94
CA THR B 75 -46.14 -10.09 33.88
C THR B 75 -47.58 -9.80 33.46
N SER B 76 -48.19 -8.64 33.77
CA SER B 76 -49.57 -8.28 33.35
C SER B 76 -49.66 -7.72 31.92
N ASN B 77 -48.51 -7.72 31.29
CA ASN B 77 -48.32 -7.30 29.92
C ASN B 77 -47.63 -8.31 29.01
N ASN B 78 -47.55 -9.61 29.39
CA ASN B 78 -46.94 -10.64 28.55
C ASN B 78 -45.58 -10.22 27.95
N GLN B 79 -44.70 -9.68 28.80
CA GLN B 79 -43.39 -9.21 28.35
C GLN B 79 -42.29 -9.70 29.22
N VAL B 80 -41.23 -10.13 28.55
CA VAL B 80 -39.99 -10.45 29.24
C VAL B 80 -38.97 -9.56 28.55
N PHE B 81 -38.08 -8.94 29.26
CA PHE B 81 -37.10 -8.03 28.69
C PHE B 81 -35.72 -8.53 29.02
N LEU B 82 -34.77 -8.13 28.23
CA LEU B 82 -33.39 -8.49 28.50
C LEU B 82 -32.50 -7.27 28.34
N LYS B 83 -31.55 -7.02 29.21
CA LYS B 83 -30.63 -5.98 28.89
C LYS B 83 -29.27 -6.59 28.96
N ILE B 84 -28.59 -6.42 27.86
CA ILE B 84 -27.24 -6.90 27.81
C ILE B 84 -26.43 -5.62 27.74
N THR B 85 -25.57 -5.44 28.74
CA THR B 85 -24.81 -4.20 28.85
C THR B 85 -23.43 -4.20 28.21
N SER B 86 -22.91 -3.05 27.77
CA SER B 86 -21.57 -2.88 27.15
C SER B 86 -21.21 -3.65 25.87
N VAL B 87 -22.16 -3.59 24.91
CA VAL B 87 -22.08 -4.40 23.70
C VAL B 87 -20.77 -4.33 22.92
N ASP B 88 -20.07 -5.46 23.02
CA ASP B 88 -18.87 -5.70 22.25
C ASP B 88 -19.31 -6.13 20.85
N THR B 89 -18.44 -6.10 19.87
CA THR B 89 -18.85 -6.54 18.53
C THR B 89 -19.09 -8.07 18.41
N ALA B 90 -18.50 -8.85 19.31
CA ALA B 90 -18.74 -10.29 19.39
C ALA B 90 -19.88 -10.55 20.36
N ASP B 91 -20.98 -9.91 19.91
CA ASP B 91 -22.31 -9.83 20.52
C ASP B 91 -23.35 -9.60 19.45
N THR B 92 -22.90 -9.44 18.20
CA THR B 92 -23.80 -9.47 17.06
C THR B 92 -24.36 -10.89 17.01
N ALA B 93 -25.66 -11.05 16.99
CA ALA B 93 -26.29 -12.34 16.98
C ALA B 93 -27.82 -12.31 16.74
N THR B 94 -28.48 -13.43 17.00
CA THR B 94 -29.92 -13.47 16.85
C THR B 94 -30.50 -13.91 18.17
N TYR B 95 -31.49 -13.17 18.62
CA TYR B 95 -32.00 -13.45 19.92
C TYR B 95 -33.35 -14.08 19.80
N TYR B 96 -33.42 -15.24 20.39
CA TYR B 96 -34.62 -16.00 20.39
C TYR B 96 -35.26 -15.90 21.76
N CYS B 97 -36.57 -15.76 21.93
CA CYS B 97 -37.05 -16.09 23.24
C CYS B 97 -37.90 -17.29 23.04
N VAL B 98 -37.76 -18.11 24.07
CA VAL B 98 -38.32 -19.44 24.09
C VAL B 98 -39.24 -19.66 25.29
N GLN B 99 -40.44 -20.23 25.20
CA GLN B 99 -41.19 -20.36 26.43
C GLN B 99 -40.64 -21.62 27.07
N GLU B 100 -40.88 -21.84 28.36
CA GLU B 100 -40.43 -23.03 29.03
C GLU B 100 -40.93 -24.25 28.22
N GLY B 101 -40.19 -25.36 28.22
CA GLY B 101 -40.60 -26.54 27.49
C GLY B 101 -39.79 -26.67 26.22
N TYR B 102 -39.27 -25.52 25.81
CA TYR B 102 -38.45 -25.40 24.62
C TYR B 102 -39.01 -25.85 23.28
N ILE B 103 -40.31 -26.06 23.23
CA ILE B 103 -40.94 -26.47 22.00
C ILE B 103 -41.29 -25.28 21.12
N TYR B 104 -41.87 -24.33 21.82
CA TYR B 104 -42.32 -23.07 21.28
C TYR B 104 -41.28 -21.97 21.23
N TRP B 105 -40.64 -21.78 20.07
CA TRP B 105 -39.68 -20.73 19.87
C TRP B 105 -40.12 -19.54 18.98
N GLY B 106 -39.81 -18.34 19.44
CA GLY B 106 -40.02 -17.14 18.63
C GLY B 106 -38.94 -16.95 17.57
N GLN B 107 -39.30 -16.49 16.38
CA GLN B 107 -38.43 -16.33 15.21
C GLN B 107 -37.05 -15.76 15.37
N GLY B 108 -36.90 -14.90 16.34
CA GLY B 108 -35.59 -14.35 16.61
C GLY B 108 -35.28 -13.05 15.90
N THR B 109 -34.70 -12.11 16.64
CA THR B 109 -34.32 -10.88 15.98
C THR B 109 -32.83 -10.59 15.89
N SER B 110 -32.36 -10.03 14.77
CA SER B 110 -30.95 -9.66 14.60
C SER B 110 -30.45 -8.38 15.26
N VAL B 111 -29.26 -8.49 15.86
CA VAL B 111 -28.55 -7.31 16.31
C VAL B 111 -27.14 -7.43 15.80
N THR B 112 -26.71 -6.34 15.20
CA THR B 112 -25.35 -6.20 14.72
C THR B 112 -24.68 -4.96 15.37
N VAL B 113 -23.50 -5.17 15.93
CA VAL B 113 -22.85 -4.18 16.77
C VAL B 113 -21.65 -3.62 15.99
N SER B 114 -22.04 -2.69 15.15
CA SER B 114 -21.08 -2.18 14.20
C SER B 114 -20.98 -0.71 14.37
N SER B 115 -19.79 -0.19 14.63
CA SER B 115 -19.60 1.25 14.75
C SER B 115 -19.60 1.90 13.37
N ALA B 116 -20.71 1.81 12.67
CA ALA B 116 -20.88 2.35 11.32
C ALA B 116 -22.35 2.71 11.04
N LYS B 117 -22.53 3.52 9.99
CA LYS B 117 -23.84 4.03 9.76
C LYS B 117 -24.49 3.50 8.50
N THR B 118 -25.81 3.71 8.33
CA THR B 118 -26.45 3.25 7.09
C THR B 118 -25.82 3.77 5.80
N THR B 119 -25.01 2.97 5.12
CA THR B 119 -24.58 3.31 3.75
C THR B 119 -25.50 2.58 2.75
N ALA B 120 -26.17 3.26 1.81
CA ALA B 120 -26.86 2.54 0.73
C ALA B 120 -25.91 2.09 -0.43
N PRO B 121 -26.08 0.91 -1.05
CA PRO B 121 -25.09 0.26 -1.91
C PRO B 121 -24.88 0.61 -3.42
N SER B 122 -23.70 0.48 -4.03
CA SER B 122 -23.58 0.65 -5.48
C SER B 122 -23.88 -0.65 -6.21
N VAL B 123 -24.83 -0.65 -7.16
CA VAL B 123 -25.20 -1.89 -7.85
C VAL B 123 -24.58 -2.00 -9.23
N TYR B 124 -23.37 -2.50 -9.35
CA TYR B 124 -22.78 -2.60 -10.67
C TYR B 124 -23.19 -3.89 -11.38
N PRO B 125 -23.53 -3.79 -12.68
CA PRO B 125 -23.71 -4.91 -13.62
C PRO B 125 -22.53 -5.70 -14.16
N LEU B 126 -22.75 -7.00 -14.41
CA LEU B 126 -21.69 -7.89 -14.90
C LEU B 126 -22.01 -8.74 -16.13
N ALA B 127 -21.52 -8.37 -17.29
CA ALA B 127 -21.70 -9.10 -18.53
C ALA B 127 -20.33 -9.61 -19.04
N PRO B 128 -20.25 -10.63 -19.91
CA PRO B 128 -19.00 -11.09 -20.51
C PRO B 128 -18.31 -10.07 -21.41
N VAL B 129 -16.99 -10.02 -21.73
CA VAL B 129 -16.49 -8.98 -22.69
C VAL B 129 -16.28 -9.42 -24.19
N CYS B 130 -16.75 -10.69 -24.31
CA CYS B 130 -17.00 -11.59 -25.47
C CYS B 130 -16.24 -12.91 -25.68
N GLY B 131 -17.11 -13.85 -25.27
CA GLY B 131 -16.94 -15.31 -25.28
C GLY B 131 -18.21 -16.05 -24.76
N ASP B 132 -18.36 -17.36 -25.11
CA ASP B 132 -19.44 -18.28 -24.67
C ASP B 132 -18.89 -19.65 -24.13
N THR B 133 -18.56 -19.71 -22.84
CA THR B 133 -18.30 -20.97 -22.12
C THR B 133 -19.68 -21.59 -21.82
N THR B 134 -19.83 -22.60 -20.95
CA THR B 134 -21.11 -23.29 -20.71
C THR B 134 -21.69 -23.92 -22.01
N GLY B 135 -22.88 -24.54 -21.96
CA GLY B 135 -23.52 -25.10 -23.15
C GLY B 135 -24.42 -24.07 -23.88
N SER B 136 -23.87 -23.15 -24.71
CA SER B 136 -24.64 -22.09 -25.42
C SER B 136 -25.66 -21.37 -24.52
N SER B 137 -25.05 -21.09 -23.38
CA SER B 137 -25.67 -20.30 -22.36
C SER B 137 -24.66 -19.26 -21.97
N VAL B 138 -25.08 -18.25 -21.22
CA VAL B 138 -24.11 -17.29 -20.72
C VAL B 138 -24.43 -16.99 -19.26
N THR B 139 -23.43 -16.79 -18.42
CA THR B 139 -23.74 -16.33 -17.05
C THR B 139 -23.62 -14.81 -16.96
N LEU B 140 -24.57 -14.17 -16.30
CA LEU B 140 -24.55 -12.74 -16.07
C LEU B 140 -24.51 -12.43 -14.59
N GLY B 141 -24.31 -11.20 -14.23
CA GLY B 141 -24.25 -10.94 -12.82
C GLY B 141 -24.57 -9.53 -12.35
N CYS B 142 -24.74 -9.49 -11.05
CA CYS B 142 -24.98 -8.22 -10.42
C CYS B 142 -24.19 -8.13 -9.13
N LEU B 143 -23.44 -7.04 -8.99
CA LEU B 143 -22.50 -6.75 -7.89
C LEU B 143 -23.10 -5.65 -7.06
N VAL B 144 -23.28 -5.92 -5.79
CA VAL B 144 -23.87 -4.91 -4.93
C VAL B 144 -22.77 -4.61 -3.91
N LYS B 145 -21.92 -3.62 -4.23
CA LYS B 145 -20.83 -3.24 -3.34
C LYS B 145 -21.16 -2.17 -2.26
N GLY B 146 -20.65 -2.52 -1.08
CA GLY B 146 -20.53 -1.61 0.05
C GLY B 146 -21.75 -1.00 0.68
N TYR B 147 -22.55 -1.87 1.30
CA TYR B 147 -23.70 -1.39 2.05
C TYR B 147 -23.72 -1.67 3.56
N PHE B 148 -24.63 -0.99 4.22
CA PHE B 148 -24.93 -1.29 5.61
C PHE B 148 -26.35 -0.80 5.80
N PRO B 149 -27.27 -1.52 6.44
CA PRO B 149 -27.11 -2.85 7.01
C PRO B 149 -27.63 -3.88 6.07
N GLU B 150 -27.52 -5.14 6.52
CA GLU B 150 -28.22 -6.24 5.88
C GLU B 150 -29.73 -5.97 6.07
N PRO B 151 -30.62 -6.29 5.14
CA PRO B 151 -30.25 -6.88 3.87
C PRO B 151 -30.67 -6.06 2.67
N VAL B 152 -30.15 -6.54 1.55
CA VAL B 152 -30.77 -6.11 0.31
C VAL B 152 -31.57 -7.31 -0.18
N THR B 153 -32.63 -7.05 -0.90
CA THR B 153 -33.40 -8.07 -1.63
C THR B 153 -33.05 -8.04 -3.15
N LEU B 154 -32.52 -9.07 -3.82
CA LEU B 154 -32.29 -8.94 -5.27
C LEU B 154 -33.10 -9.90 -6.15
N THR B 155 -33.82 -9.37 -7.14
CA THR B 155 -34.49 -10.29 -8.05
C THR B 155 -34.23 -10.05 -9.53
N TRP B 156 -33.85 -11.09 -10.28
CA TRP B 156 -33.63 -10.92 -11.71
C TRP B 156 -34.99 -10.84 -12.38
N ASN B 157 -35.20 -9.94 -13.33
CA ASN B 157 -36.49 -9.78 -14.00
C ASN B 157 -37.78 -9.66 -13.13
N SER B 158 -37.54 -9.27 -11.88
CA SER B 158 -38.49 -9.30 -10.77
C SER B 158 -39.09 -10.66 -10.47
N GLY B 159 -38.32 -11.74 -10.47
CA GLY B 159 -38.87 -13.07 -10.17
C GLY B 159 -39.51 -13.81 -11.37
N SER B 160 -39.43 -13.04 -12.46
CA SER B 160 -39.78 -13.55 -13.77
C SER B 160 -38.60 -14.31 -14.34
N LEU B 161 -37.49 -14.18 -13.63
CA LEU B 161 -36.35 -15.06 -13.77
C LEU B 161 -35.77 -15.39 -12.38
N SER B 162 -35.89 -16.67 -12.02
CA SER B 162 -35.31 -17.24 -10.78
C SER B 162 -34.61 -18.59 -10.94
N SER B 163 -35.05 -19.40 -11.89
CA SER B 163 -34.31 -20.61 -12.24
C SER B 163 -33.08 -20.25 -13.10
N GLY B 164 -32.00 -20.82 -12.56
CA GLY B 164 -30.64 -20.54 -13.02
C GLY B 164 -29.95 -19.45 -12.19
N VAL B 165 -30.60 -18.81 -11.23
CA VAL B 165 -30.03 -17.76 -10.40
C VAL B 165 -29.20 -18.10 -9.15
N HIS B 166 -27.99 -17.59 -8.89
CA HIS B 166 -27.33 -17.79 -7.59
C HIS B 166 -27.10 -16.54 -6.77
N THR B 167 -27.66 -16.40 -5.57
CA THR B 167 -27.38 -15.17 -4.84
C THR B 167 -26.57 -15.45 -3.59
N PHE B 168 -25.30 -15.25 -3.89
CA PHE B 168 -24.22 -15.48 -2.97
C PHE B 168 -24.42 -14.62 -1.73
N PRO B 169 -24.35 -15.21 -0.53
CA PRO B 169 -24.55 -14.49 0.73
C PRO B 169 -23.56 -13.40 1.01
N ALA B 170 -24.04 -12.34 1.66
CA ALA B 170 -23.18 -11.19 1.92
C ALA B 170 -22.03 -11.29 2.91
N VAL B 171 -20.87 -11.03 2.35
CA VAL B 171 -19.61 -10.94 3.11
C VAL B 171 -19.43 -9.51 3.65
N LEU B 172 -18.52 -9.09 4.55
CA LEU B 172 -18.30 -7.65 4.77
C LEU B 172 -16.86 -7.37 4.63
N GLN B 173 -16.64 -6.35 3.87
CA GLN B 173 -15.26 -5.97 3.74
C GLN B 173 -14.95 -4.88 4.78
N SER B 174 -14.85 -3.62 4.37
CA SER B 174 -14.55 -2.48 5.26
C SER B 174 -15.64 -2.20 6.30
N ASP B 175 -16.00 -3.04 7.26
CA ASP B 175 -17.27 -2.92 8.02
C ASP B 175 -18.58 -2.78 7.19
N LEU B 176 -18.44 -2.84 5.85
CA LEU B 176 -19.49 -2.70 4.82
C LEU B 176 -19.66 -3.93 3.92
N TYR B 177 -20.89 -4.41 3.90
CA TYR B 177 -21.22 -5.66 3.20
C TYR B 177 -21.17 -5.63 1.69
N THR B 178 -20.85 -6.79 1.14
CA THR B 178 -20.79 -6.92 -0.29
C THR B 178 -21.41 -8.24 -0.65
N LEU B 179 -22.49 -8.06 -1.39
CA LEU B 179 -23.32 -9.14 -1.88
C LEU B 179 -23.18 -9.29 -3.40
N SER B 180 -23.45 -10.49 -3.94
CA SER B 180 -23.38 -10.77 -5.37
C SER B 180 -24.28 -11.89 -5.89
N SER B 181 -24.82 -11.69 -7.07
CA SER B 181 -25.61 -12.74 -7.73
C SER B 181 -25.24 -13.07 -9.19
N SER B 182 -25.65 -14.22 -9.65
CA SER B 182 -25.45 -14.59 -11.02
C SER B 182 -26.71 -15.22 -11.59
N VAL B 183 -26.93 -15.16 -12.91
CA VAL B 183 -28.02 -15.87 -13.61
C VAL B 183 -27.51 -16.55 -14.89
N THR B 184 -27.80 -17.82 -15.08
CA THR B 184 -27.52 -18.38 -16.40
C THR B 184 -28.76 -18.51 -17.31
N VAL B 185 -28.60 -17.89 -18.49
CA VAL B 185 -29.63 -17.98 -19.51
C VAL B 185 -29.20 -18.68 -20.79
N THR B 186 -30.08 -19.22 -21.60
CA THR B 186 -29.71 -19.82 -22.89
C THR B 186 -29.35 -18.68 -23.83
N SER B 187 -28.49 -18.75 -24.87
CA SER B 187 -28.21 -17.53 -25.66
C SER B 187 -29.36 -16.78 -26.38
N SER B 188 -30.44 -17.50 -26.68
CA SER B 188 -31.66 -16.92 -27.26
C SER B 188 -32.36 -15.89 -26.38
N THR B 189 -32.02 -15.89 -25.08
CA THR B 189 -32.57 -14.90 -24.16
C THR B 189 -31.70 -13.66 -24.27
N TRP B 190 -30.71 -13.33 -23.45
CA TRP B 190 -29.88 -12.17 -23.74
C TRP B 190 -28.77 -12.59 -24.69
N PRO B 191 -28.30 -11.75 -25.62
CA PRO B 191 -28.80 -10.39 -25.81
C PRO B 191 -30.19 -10.21 -26.40
N SER B 192 -31.03 -11.15 -26.89
CA SER B 192 -32.38 -10.86 -27.43
C SER B 192 -33.36 -10.35 -26.36
N GLN B 193 -33.84 -11.26 -25.52
CA GLN B 193 -34.65 -10.87 -24.39
C GLN B 193 -33.79 -10.10 -23.34
N SER B 194 -34.25 -8.96 -22.81
CA SER B 194 -33.45 -8.19 -21.86
C SER B 194 -33.53 -8.54 -20.39
N ILE B 195 -32.38 -8.80 -19.75
CA ILE B 195 -32.37 -9.05 -18.30
C ILE B 195 -31.72 -7.98 -17.44
N THR B 196 -32.63 -7.56 -16.58
CA THR B 196 -32.32 -6.54 -15.60
C THR B 196 -32.30 -7.00 -14.11
N CYS B 197 -31.29 -6.53 -13.41
CA CYS B 197 -31.09 -6.83 -12.01
C CYS B 197 -31.85 -5.87 -11.09
N ASN B 198 -32.69 -6.37 -10.18
CA ASN B 198 -33.39 -5.49 -9.24
C ASN B 198 -32.82 -5.61 -7.85
N VAL B 199 -32.13 -4.58 -7.40
CA VAL B 199 -31.64 -4.54 -6.03
C VAL B 199 -32.49 -3.61 -5.16
N ALA B 200 -32.90 -4.06 -3.96
CA ALA B 200 -33.61 -3.23 -2.97
C ALA B 200 -33.13 -3.27 -1.51
N HIS B 201 -32.62 -2.12 -1.07
CA HIS B 201 -31.98 -2.02 0.24
C HIS B 201 -32.80 -1.19 1.20
N PRO B 202 -33.83 -1.72 1.84
CA PRO B 202 -34.95 -0.95 2.40
C PRO B 202 -34.62 0.12 3.46
N ALA B 203 -33.67 -0.18 4.35
CA ALA B 203 -33.12 0.77 5.34
C ALA B 203 -32.25 1.77 4.60
N SER B 204 -33.00 2.66 3.99
CA SER B 204 -32.65 3.70 2.99
C SER B 204 -33.56 3.38 1.78
N SER B 205 -34.34 4.29 1.21
CA SER B 205 -35.17 3.93 0.06
C SER B 205 -34.40 3.92 -1.26
N THR B 206 -33.37 3.06 -1.17
CA THR B 206 -32.56 2.68 -2.30
C THR B 206 -33.40 1.57 -2.90
N LYS B 207 -33.80 1.81 -4.13
CA LYS B 207 -34.42 0.77 -4.93
C LYS B 207 -33.76 0.78 -6.32
N VAL B 208 -32.64 0.07 -6.54
CA VAL B 208 -31.90 0.14 -7.81
C VAL B 208 -32.12 -0.95 -8.84
N ASP B 209 -32.57 -0.50 -10.00
CA ASP B 209 -32.86 -1.39 -11.10
C ASP B 209 -31.77 -1.47 -12.21
N LYS B 210 -30.67 -2.23 -12.05
CA LYS B 210 -29.64 -2.18 -13.07
C LYS B 210 -29.68 -3.16 -14.21
N LYS B 211 -29.92 -2.62 -15.40
CA LYS B 211 -29.96 -3.46 -16.58
C LYS B 211 -28.62 -3.95 -17.09
N ILE B 212 -28.53 -5.23 -17.43
CA ILE B 212 -27.28 -5.74 -17.98
C ILE B 212 -27.28 -5.48 -19.50
N GLU B 213 -26.84 -4.31 -19.95
CA GLU B 213 -26.60 -4.12 -21.39
C GLU B 213 -25.34 -4.90 -21.91
N PRO B 214 -25.40 -5.67 -22.99
CA PRO B 214 -24.22 -6.27 -23.62
C PRO B 214 -23.21 -5.31 -24.20
N ARG B 215 -22.05 -5.48 -23.65
CA ARG B 215 -20.92 -4.87 -24.27
C ARG B 215 -20.30 -5.98 -25.13
N CYS C 1 -33.55 -25.20 44.61
CA CYS C 1 -33.38 -24.94 43.16
C CYS C 1 -34.47 -25.69 42.37
N LYS C 2 -34.62 -25.17 41.16
CA LYS C 2 -35.55 -25.63 40.14
C LYS C 2 -34.79 -26.10 38.93
N ARG C 3 -35.52 -26.33 37.87
CA ARG C 3 -34.94 -26.79 36.64
C ARG C 3 -35.68 -26.14 35.46
N ILE C 4 -34.95 -25.66 34.48
CA ILE C 4 -35.56 -25.14 33.27
C ILE C 4 -36.17 -26.39 32.63
N HIS C 5 -37.45 -26.45 32.31
CA HIS C 5 -38.01 -27.67 31.74
C HIS C 5 -37.90 -27.69 30.24
N ILE C 6 -37.47 -28.82 29.70
CA ILE C 6 -37.45 -29.09 28.27
C ILE C 6 -38.23 -30.34 27.88
N GLY C 7 -38.96 -30.35 26.77
CA GLY C 7 -39.85 -31.44 26.44
C GLY C 7 -41.28 -31.02 26.75
N PRO C 8 -42.36 -31.73 26.44
CA PRO C 8 -43.74 -31.53 26.84
C PRO C 8 -44.20 -31.62 28.30
N GLY C 9 -45.45 -31.21 28.55
CA GLY C 9 -46.12 -31.25 29.85
C GLY C 9 -45.94 -30.07 30.87
N ASP D 1 12.61 21.30 -31.46
CA ASP D 1 13.13 21.32 -30.10
C ASP D 1 12.55 22.47 -29.32
N ILE D 2 11.65 22.34 -28.35
CA ILE D 2 11.18 23.52 -27.66
C ILE D 2 12.21 23.78 -26.55
N VAL D 3 13.07 24.78 -26.72
CA VAL D 3 14.09 25.16 -25.73
C VAL D 3 13.47 25.89 -24.56
N LEU D 4 13.59 25.47 -23.28
CA LEU D 4 13.03 26.29 -22.20
C LEU D 4 14.02 27.08 -21.34
N THR D 5 13.92 28.41 -21.40
CA THR D 5 14.73 29.31 -20.60
C THR D 5 14.11 29.57 -19.22
N GLN D 6 14.76 29.09 -18.19
CA GLN D 6 14.26 29.34 -16.86
C GLN D 6 14.91 30.52 -16.22
N SER D 7 14.14 31.20 -15.40
CA SER D 7 14.60 32.39 -14.71
C SER D 7 14.05 32.59 -13.30
N PRO D 8 14.93 32.83 -12.31
CA PRO D 8 16.39 32.91 -12.46
C PRO D 8 17.19 31.61 -12.28
N GLY D 9 18.50 31.64 -12.16
CA GLY D 9 19.25 30.42 -11.83
C GLY D 9 19.33 30.07 -10.33
N SER D 10 19.26 31.07 -9.46
CA SER D 10 19.33 30.95 -7.99
C SER D 10 18.46 32.03 -7.34
N LEU D 11 17.65 31.77 -6.32
CA LEU D 11 16.78 32.75 -5.74
C LEU D 11 16.90 32.57 -4.25
N ALA D 12 17.23 33.62 -3.52
CA ALA D 12 17.47 33.60 -2.07
C ALA D 12 16.29 34.08 -1.26
N VAL D 13 15.68 33.30 -0.39
CA VAL D 13 14.42 33.78 0.15
C VAL D 13 14.24 33.61 1.63
N SER D 14 13.45 34.48 2.23
CA SER D 14 13.12 34.38 3.64
C SER D 14 11.89 33.53 3.87
N LEU D 15 11.88 32.80 4.95
CA LEU D 15 10.83 31.84 5.21
C LEU D 15 9.42 32.43 5.30
N GLY D 16 8.68 32.40 4.21
CA GLY D 16 7.33 32.96 4.25
C GLY D 16 7.10 34.03 3.18
N GLN D 17 8.19 34.36 2.46
CA GLN D 17 8.14 35.21 1.28
C GLN D 17 7.62 34.51 0.01
N ARG D 18 7.13 35.30 -0.95
CA ARG D 18 6.72 34.83 -2.27
C ARG D 18 7.93 34.60 -3.19
N ALA D 19 8.03 33.43 -3.79
CA ALA D 19 9.12 33.09 -4.70
C ALA D 19 8.57 32.78 -6.06
N THR D 20 9.11 33.38 -7.10
CA THR D 20 8.48 33.13 -8.36
C THR D 20 9.52 32.66 -9.37
N ILE D 21 9.32 31.51 -9.96
CA ILE D 21 10.21 30.96 -10.97
C ILE D 21 9.37 31.01 -12.24
N SER D 22 10.02 31.59 -13.22
CA SER D 22 9.50 31.89 -14.55
C SER D 22 10.16 31.03 -15.59
N CYS D 23 9.44 30.45 -16.51
CA CYS D 23 9.99 29.50 -17.45
C CYS D 23 9.41 29.80 -18.80
N ARG D 24 10.28 30.14 -19.76
CA ARG D 24 9.89 30.51 -21.12
C ARG D 24 10.23 29.45 -22.21
N ALA D 25 9.24 29.11 -23.04
CA ALA D 25 9.44 28.13 -24.12
C ALA D 25 9.82 28.78 -25.44
N SER D 26 10.81 28.33 -26.19
CA SER D 26 11.10 28.90 -27.52
C SER D 26 9.91 28.96 -28.44
N GLU D 27 8.95 28.06 -28.35
CA GLU D 27 7.78 28.11 -29.19
C GLU D 27 6.57 27.66 -28.43
N SER D 28 5.46 27.46 -29.11
CA SER D 28 4.31 27.02 -28.35
C SER D 28 4.46 25.61 -27.87
N VAL D 29 4.01 25.49 -26.61
CA VAL D 29 3.96 24.19 -25.92
C VAL D 29 2.53 23.82 -25.52
N ASP D 30 1.51 24.24 -26.27
CA ASP D 30 0.09 23.97 -25.94
C ASP D 30 -0.76 23.22 -26.97
N ASP D 31 -1.78 22.37 -26.86
CA ASP D 31 -2.55 21.88 -28.05
C ASP D 31 -3.64 22.86 -28.53
N ASP D 32 -3.54 24.01 -27.84
CA ASP D 32 -4.44 25.12 -27.74
C ASP D 32 -5.53 24.82 -26.72
N GLY D 33 -5.29 25.17 -25.45
CA GLY D 33 -6.29 24.83 -24.42
C GLY D 33 -5.62 24.21 -23.23
N ASN D 34 -4.92 23.13 -23.53
CA ASN D 34 -3.98 22.50 -22.61
C ASN D 34 -2.59 22.93 -22.93
N SER D 35 -1.86 23.20 -21.88
CA SER D 35 -0.45 23.49 -22.02
C SER D 35 0.37 22.36 -21.49
N PHE D 36 1.21 21.82 -22.34
CA PHE D 36 2.07 20.76 -21.89
C PHE D 36 3.35 21.20 -21.23
N LEU D 37 3.22 22.12 -20.29
CA LEU D 37 4.36 22.54 -19.49
C LEU D 37 4.10 22.05 -18.09
N HIS D 38 5.13 21.58 -17.39
CA HIS D 38 4.96 20.96 -16.09
C HIS D 38 6.13 21.25 -15.22
N TRP D 39 5.94 21.11 -13.90
CA TRP D 39 6.98 21.46 -12.93
C TRP D 39 7.40 20.41 -11.91
N TYR D 40 8.69 20.34 -11.70
CA TYR D 40 9.42 19.38 -10.84
C TYR D 40 10.25 19.92 -9.66
N GLN D 41 10.36 19.16 -8.59
CA GLN D 41 11.15 19.56 -7.47
C GLN D 41 12.30 18.66 -7.10
N GLN D 42 13.58 19.00 -7.26
CA GLN D 42 14.67 18.16 -6.72
C GLN D 42 15.33 18.43 -5.35
N LYS D 43 15.22 17.64 -4.25
CA LYS D 43 16.02 17.92 -3.02
C LYS D 43 17.36 17.22 -3.19
N PRO D 44 18.58 17.77 -3.00
CA PRO D 44 19.84 17.12 -3.44
C PRO D 44 20.07 15.68 -2.97
N GLY D 45 20.00 14.71 -3.89
CA GLY D 45 20.00 13.29 -3.49
C GLY D 45 18.81 12.50 -4.01
N GLN D 46 17.64 13.13 -4.08
CA GLN D 46 16.43 12.52 -4.63
C GLN D 46 16.39 12.48 -6.18
N PRO D 47 15.60 11.62 -6.81
CA PRO D 47 15.04 11.87 -8.12
C PRO D 47 14.06 13.10 -8.26
N PRO D 48 13.83 13.71 -9.44
CA PRO D 48 12.86 14.75 -9.61
C PRO D 48 11.43 14.40 -9.21
N LYS D 49 10.80 15.19 -8.31
CA LYS D 49 9.39 14.97 -7.94
C LYS D 49 8.43 15.84 -8.71
N LEU D 50 7.55 15.34 -9.58
CA LEU D 50 6.61 16.20 -10.28
C LEU D 50 5.69 16.88 -9.27
N LEU D 51 5.52 18.19 -9.28
CA LEU D 51 4.61 18.90 -8.39
C LEU D 51 3.26 19.29 -9.00
N ILE D 52 3.38 19.87 -10.18
CA ILE D 52 2.25 20.28 -10.99
C ILE D 52 2.41 19.92 -12.47
N TYR D 53 1.31 19.55 -13.10
CA TYR D 53 1.26 19.08 -14.47
C TYR D 53 0.34 19.91 -15.34
N ARG D 54 0.74 20.12 -16.60
CA ARG D 54 -0.11 20.79 -17.59
C ARG D 54 -0.51 22.22 -17.30
N SER D 55 0.50 22.79 -16.65
CA SER D 55 0.75 24.16 -16.17
C SER D 55 0.37 24.60 -14.79
N SER D 56 -0.83 24.23 -14.45
CA SER D 56 -1.52 24.70 -13.27
C SER D 56 -2.16 23.58 -12.49
N ASN D 57 -2.21 22.34 -12.94
CA ASN D 57 -2.91 21.28 -12.23
C ASN D 57 -2.00 20.77 -11.20
N LEU D 58 -2.27 20.52 -9.92
CA LEU D 58 -1.24 19.99 -9.04
C LEU D 58 -1.46 18.61 -8.50
N ILE D 59 -0.41 17.80 -8.48
CA ILE D 59 -0.51 16.42 -8.04
C ILE D 59 -0.90 16.33 -6.57
N SER D 60 -1.97 15.59 -6.22
CA SER D 60 -2.40 15.38 -4.80
C SER D 60 -1.34 15.11 -3.74
N GLY D 61 -1.47 15.82 -2.63
CA GLY D 61 -0.43 15.79 -1.60
C GLY D 61 0.39 17.09 -1.70
N ILE D 62 0.90 17.46 -2.91
CA ILE D 62 1.60 18.71 -3.14
C ILE D 62 0.80 19.91 -2.57
N PRO D 63 1.39 20.42 -1.48
CA PRO D 63 0.68 21.28 -0.54
C PRO D 63 0.32 22.52 -1.32
N ASP D 64 -0.89 23.12 -1.26
CA ASP D 64 -1.16 24.21 -2.19
C ASP D 64 -0.45 25.54 -2.10
N ARG D 65 0.65 25.68 -1.40
CA ARG D 65 1.50 26.88 -1.52
C ARG D 65 2.02 27.15 -2.97
N PHE D 66 2.03 26.02 -3.70
CA PHE D 66 2.55 25.87 -5.05
C PHE D 66 1.49 26.06 -6.09
N SER D 67 1.64 27.11 -6.87
CA SER D 67 0.74 27.44 -7.97
C SER D 67 1.45 27.47 -9.30
N GLY D 68 0.82 27.09 -10.38
CA GLY D 68 1.45 27.24 -11.67
C GLY D 68 0.59 28.11 -12.59
N SER D 69 1.23 28.92 -13.44
CA SER D 69 0.54 29.79 -14.37
C SER D 69 1.18 30.06 -15.70
N GLY D 70 0.40 30.42 -16.71
CA GLY D 70 0.93 30.74 -18.06
C GLY D 70 0.27 30.16 -19.36
N SER D 71 0.61 30.51 -20.57
CA SER D 71 -0.03 30.00 -21.79
C SER D 71 0.94 30.14 -22.97
N ARG D 72 0.91 29.23 -23.92
CA ARG D 72 1.83 29.20 -25.05
C ARG D 72 3.33 29.08 -24.67
N THR D 73 3.95 30.18 -24.31
CA THR D 73 5.37 30.24 -24.14
C THR D 73 5.74 30.87 -22.85
N ASP D 74 4.79 31.29 -22.05
CA ASP D 74 5.13 31.99 -20.84
C ASP D 74 4.57 31.41 -19.58
N PHE D 75 5.44 30.77 -18.80
CA PHE D 75 4.96 30.12 -17.58
C PHE D 75 5.58 30.51 -16.23
N THR D 76 4.83 30.27 -15.19
CA THR D 76 5.21 30.76 -13.87
C THR D 76 4.86 29.83 -12.74
N LEU D 77 5.90 29.25 -12.16
CA LEU D 77 5.75 28.51 -10.94
C LEU D 77 5.87 29.53 -9.84
N THR D 78 4.87 29.58 -8.98
CA THR D 78 4.94 30.45 -7.82
C THR D 78 4.73 29.68 -6.53
N ILE D 79 5.71 29.87 -5.67
CA ILE D 79 5.73 29.30 -4.34
C ILE D 79 5.42 30.41 -3.31
N ASN D 80 4.30 30.40 -2.63
CA ASN D 80 4.04 31.40 -1.58
C ASN D 80 3.04 30.73 -0.62
N PRO D 81 3.22 30.63 0.73
CA PRO D 81 4.37 31.09 1.50
C PRO D 81 5.60 30.24 1.57
N VAL D 82 6.78 30.60 1.08
CA VAL D 82 7.94 29.66 1.16
C VAL D 82 8.28 29.11 2.55
N GLU D 83 7.99 27.84 2.79
CA GLU D 83 8.38 27.22 4.04
C GLU D 83 9.79 26.62 4.01
N ALA D 84 10.14 26.35 5.26
CA ALA D 84 11.38 25.73 5.70
C ALA D 84 12.08 24.85 4.71
N ASP D 85 11.25 23.92 4.26
CA ASP D 85 11.63 22.86 3.34
C ASP D 85 11.21 22.91 1.86
N ASP D 86 11.07 24.06 1.20
CA ASP D 86 10.89 24.06 -0.26
C ASP D 86 12.19 24.51 -0.89
N VAL D 87 13.26 24.23 -0.17
CA VAL D 87 14.63 24.58 -0.54
C VAL D 87 15.17 23.45 -1.43
N ALA D 88 15.03 23.72 -2.72
CA ALA D 88 15.40 22.73 -3.68
C ALA D 88 15.73 23.34 -5.01
N THR D 89 16.08 22.55 -6.03
CA THR D 89 16.12 23.10 -7.39
C THR D 89 14.77 22.78 -8.09
N TYR D 90 14.24 23.72 -8.83
CA TYR D 90 13.02 23.50 -9.58
C TYR D 90 13.27 23.53 -11.08
N TYR D 91 12.55 22.61 -11.70
CA TYR D 91 12.65 22.47 -13.12
C TYR D 91 11.36 22.54 -13.88
N CYS D 92 11.20 23.36 -14.91
CA CYS D 92 10.00 23.21 -15.75
C CYS D 92 10.26 22.15 -16.81
N GLN D 93 9.21 21.65 -17.44
CA GLN D 93 9.36 20.64 -18.45
C GLN D 93 8.33 20.70 -19.56
N GLN D 94 8.71 20.45 -20.82
CA GLN D 94 7.68 20.39 -21.82
C GLN D 94 7.54 19.04 -22.45
N SER D 95 6.31 18.62 -22.55
CA SER D 95 5.96 17.40 -23.27
C SER D 95 4.96 17.64 -24.42
N ASN D 96 5.05 18.77 -25.12
CA ASN D 96 4.16 19.04 -26.23
C ASN D 96 4.64 18.24 -27.40
N GLU D 97 5.95 18.27 -27.52
CA GLU D 97 6.55 17.48 -28.56
C GLU D 97 7.95 16.98 -28.27
N ASP D 98 8.49 15.97 -28.95
CA ASP D 98 9.81 15.56 -28.55
C ASP D 98 10.89 16.10 -29.48
N PRO D 99 12.16 16.19 -29.01
CA PRO D 99 12.61 15.81 -27.69
C PRO D 99 12.03 16.55 -26.52
N LEU D 100 11.52 15.78 -25.55
CA LEU D 100 11.02 16.44 -24.35
C LEU D 100 12.24 17.13 -23.75
N THR D 101 12.04 18.41 -23.49
CA THR D 101 13.09 19.21 -22.95
C THR D 101 12.81 19.69 -21.53
N PHE D 102 13.85 19.97 -20.75
CA PHE D 102 13.80 20.56 -19.40
C PHE D 102 14.37 22.00 -19.29
N GLY D 103 13.89 22.80 -18.36
CA GLY D 103 14.53 24.11 -18.15
C GLY D 103 15.84 23.89 -17.42
N ALA D 104 16.82 24.75 -17.52
CA ALA D 104 18.11 24.54 -16.88
C ALA D 104 18.22 24.41 -15.36
N GLY D 105 17.13 24.69 -14.62
CA GLY D 105 17.15 24.72 -13.15
C GLY D 105 17.05 26.10 -12.48
N THR D 106 16.24 26.14 -11.43
CA THR D 106 16.30 27.35 -10.56
C THR D 106 16.67 26.84 -9.17
N LYS D 107 17.75 27.24 -8.48
CA LYS D 107 17.94 26.80 -7.10
C LYS D 107 17.35 27.74 -6.03
N LEU D 108 16.41 27.36 -5.16
CA LEU D 108 16.14 28.25 -4.07
C LEU D 108 17.24 28.11 -3.01
N GLU D 109 17.84 29.18 -2.55
CA GLU D 109 18.66 29.01 -1.37
C GLU D 109 17.93 29.73 -0.20
N ILE D 110 18.32 29.55 1.07
CA ILE D 110 17.74 30.39 2.11
C ILE D 110 18.58 31.67 2.23
N LYS D 111 17.83 32.74 2.41
CA LYS D 111 18.41 34.03 2.67
C LYS D 111 18.84 34.16 4.13
N ARG D 112 19.93 34.91 4.37
CA ARG D 112 20.43 35.22 5.71
C ARG D 112 21.40 36.41 5.82
N ALA D 113 21.83 36.88 7.00
CA ALA D 113 22.69 38.06 7.12
C ALA D 113 24.05 37.89 6.47
N ASP D 114 24.78 38.90 6.05
CA ASP D 114 26.02 38.65 5.34
C ASP D 114 27.13 38.35 6.31
N ALA D 115 27.41 37.13 6.73
CA ALA D 115 28.66 37.01 7.45
C ALA D 115 29.79 37.05 6.42
N ALA D 116 30.92 37.67 6.79
CA ALA D 116 32.14 37.71 5.97
C ALA D 116 33.04 36.50 6.20
N PRO D 117 33.85 36.02 5.22
CA PRO D 117 34.70 34.81 5.33
C PRO D 117 35.84 34.64 6.33
N THR D 118 36.02 33.43 6.90
CA THR D 118 37.18 33.08 7.72
C THR D 118 38.19 32.44 6.77
N VAL D 119 39.12 33.25 6.26
CA VAL D 119 40.09 32.78 5.26
C VAL D 119 41.38 32.33 5.94
N SER D 120 41.94 31.22 5.51
CA SER D 120 43.25 30.75 6.02
C SER D 120 44.10 30.07 4.95
N ILE D 121 45.43 30.29 4.90
CA ILE D 121 46.27 29.69 3.87
C ILE D 121 47.30 28.67 4.40
N PHE D 122 47.41 27.59 3.68
CA PHE D 122 48.29 26.53 4.05
C PHE D 122 49.29 26.42 2.96
N PRO D 123 50.56 26.66 3.30
CA PRO D 123 51.76 26.24 2.58
C PRO D 123 51.77 24.76 2.30
N PRO D 124 52.46 24.17 1.31
CA PRO D 124 52.36 22.74 0.99
C PRO D 124 52.85 21.87 2.13
N SER D 125 52.49 20.60 2.32
CA SER D 125 53.16 19.83 3.41
C SER D 125 54.55 19.31 2.98
N SER D 126 55.56 19.17 3.86
CA SER D 126 56.86 18.56 3.50
C SER D 126 56.75 17.17 2.86
N GLU D 127 55.72 16.41 3.24
CA GLU D 127 55.39 15.15 2.56
C GLU D 127 55.19 15.42 1.08
N GLN D 128 54.23 16.29 0.75
CA GLN D 128 53.97 16.59 -0.63
C GLN D 128 55.19 17.20 -1.31
N LEU D 129 55.97 18.10 -0.72
CA LEU D 129 57.17 18.59 -1.40
C LEU D 129 58.15 17.48 -1.83
N THR D 130 58.44 16.55 -0.93
CA THR D 130 59.28 15.37 -1.22
C THR D 130 58.72 14.64 -2.44
N SER D 131 57.40 14.62 -2.56
CA SER D 131 56.74 14.01 -3.71
C SER D 131 56.97 14.83 -4.99
N GLY D 132 57.76 15.90 -4.98
CA GLY D 132 57.89 16.78 -6.15
C GLY D 132 56.60 17.54 -6.47
N GLY D 133 55.77 17.68 -5.46
CA GLY D 133 54.53 18.41 -5.59
C GLY D 133 54.50 19.63 -4.68
N ALA D 134 53.67 20.56 -5.12
CA ALA D 134 53.36 21.71 -4.33
C ALA D 134 51.97 22.32 -4.56
N SER D 135 51.14 22.07 -3.58
CA SER D 135 49.84 22.64 -3.58
C SER D 135 49.76 23.55 -2.39
N VAL D 136 49.42 24.77 -2.72
CA VAL D 136 49.14 25.77 -1.72
C VAL D 136 47.62 25.72 -1.65
N VAL D 137 47.02 25.61 -0.47
CA VAL D 137 45.55 25.58 -0.30
C VAL D 137 45.01 26.70 0.57
N CYS D 138 43.83 27.18 0.24
CA CYS D 138 43.18 28.31 0.89
C CYS D 138 41.72 28.08 1.28
N PHE D 139 41.40 28.07 2.56
CA PHE D 139 40.03 27.84 2.98
C PHE D 139 39.32 29.15 3.26
N LEU D 140 38.14 29.25 2.66
CA LEU D 140 37.30 30.44 2.72
C LEU D 140 36.00 30.06 3.42
N ASN D 141 35.95 30.19 4.73
CA ASN D 141 34.84 29.62 5.47
C ASN D 141 33.72 30.44 6.07
N ASN D 142 32.55 29.81 5.99
CA ASN D 142 31.33 30.32 6.50
C ASN D 142 31.02 31.76 6.05
N PHE D 143 30.59 31.95 4.80
CA PHE D 143 30.14 33.26 4.34
C PHE D 143 28.77 33.23 3.63
N TYR D 144 28.32 34.44 3.37
CA TYR D 144 27.06 34.67 2.69
C TYR D 144 27.20 36.14 2.29
N PRO D 145 26.72 36.58 1.14
CA PRO D 145 26.06 35.72 0.19
C PRO D 145 27.07 34.82 -0.55
N LYS D 146 26.48 33.81 -1.20
CA LYS D 146 27.12 32.78 -2.03
C LYS D 146 28.38 33.18 -2.81
N ASP D 147 28.25 34.34 -3.42
CA ASP D 147 29.29 34.83 -4.31
C ASP D 147 30.57 35.46 -3.70
N ILE D 148 31.68 34.90 -4.18
CA ILE D 148 33.01 35.31 -3.78
C ILE D 148 33.90 35.13 -4.99
N ASN D 149 34.99 35.84 -5.13
CA ASN D 149 35.96 35.57 -6.18
C ASN D 149 37.37 35.55 -5.55
N VAL D 150 38.14 34.50 -5.81
CA VAL D 150 39.52 34.34 -5.29
C VAL D 150 40.65 34.36 -6.35
N LYS D 151 41.65 35.20 -6.09
CA LYS D 151 42.82 35.33 -6.94
C LYS D 151 44.05 34.83 -6.24
N TRP D 152 44.83 34.11 -7.01
CA TRP D 152 46.08 33.67 -6.46
C TRP D 152 47.23 34.52 -6.89
N LYS D 153 48.13 34.79 -5.98
CA LYS D 153 49.24 35.68 -6.30
C LYS D 153 50.55 35.09 -5.82
N ILE D 154 51.47 34.91 -6.76
CA ILE D 154 52.79 34.37 -6.43
C ILE D 154 53.81 35.47 -6.58
N ASP D 155 54.40 36.02 -5.53
CA ASP D 155 55.29 37.18 -5.65
C ASP D 155 54.77 38.41 -6.38
N GLY D 156 53.45 38.66 -6.30
CA GLY D 156 52.85 39.87 -6.92
C GLY D 156 51.99 39.60 -8.15
N SER D 157 52.44 38.69 -9.00
CA SER D 157 51.66 38.17 -10.12
C SER D 157 50.42 37.27 -9.82
N GLU D 158 49.39 37.43 -10.63
CA GLU D 158 48.17 36.64 -10.57
C GLU D 158 48.24 35.27 -11.30
N ARG D 159 48.26 34.16 -10.58
CA ARG D 159 48.08 32.87 -11.24
C ARG D 159 46.64 32.56 -11.66
N GLN D 160 46.55 32.68 -12.97
CA GLN D 160 45.31 32.38 -13.68
C GLN D 160 44.96 30.91 -13.52
N ASN D 161 45.97 30.04 -13.64
CA ASN D 161 45.74 28.58 -13.55
C ASN D 161 46.72 27.64 -12.81
N GLY D 162 46.13 26.47 -12.63
CA GLY D 162 46.62 25.48 -11.69
C GLY D 162 45.73 25.64 -10.44
N VAL D 163 44.74 26.52 -10.54
CA VAL D 163 43.78 26.76 -9.51
C VAL D 163 42.63 25.78 -9.78
N LEU D 164 42.20 25.25 -8.62
CA LEU D 164 41.13 24.27 -8.46
C LEU D 164 40.22 24.59 -7.24
N ASN D 165 39.00 24.94 -7.64
CA ASN D 165 37.95 25.41 -6.77
C ASN D 165 36.91 24.41 -6.36
N SER D 166 36.42 24.54 -5.15
CA SER D 166 35.30 23.73 -4.68
C SER D 166 34.48 24.45 -3.66
N TRP D 167 33.14 24.38 -3.82
CA TRP D 167 32.21 25.03 -2.93
C TRP D 167 31.21 24.04 -2.40
N THR D 168 31.12 24.24 -1.09
CA THR D 168 30.22 23.53 -0.19
C THR D 168 28.87 24.11 -0.46
N ASP D 169 27.79 23.33 -0.43
CA ASP D 169 26.49 23.95 -0.52
C ASP D 169 26.17 24.79 0.73
N GLN D 170 24.95 25.29 0.87
CA GLN D 170 24.64 26.14 2.03
C GLN D 170 24.50 25.35 3.36
N ASP D 171 25.51 25.42 4.23
CA ASP D 171 25.62 24.70 5.50
C ASP D 171 24.42 24.87 6.42
N SER D 172 23.41 24.01 6.33
CA SER D 172 22.16 24.41 6.96
C SER D 172 21.79 24.26 8.40
N LYS D 173 22.78 24.30 9.26
CA LYS D 173 22.45 24.61 10.66
C LYS D 173 22.51 26.14 10.91
N ASP D 174 23.18 26.81 9.99
CA ASP D 174 23.39 28.25 9.99
C ASP D 174 23.39 28.82 8.55
N SER D 175 22.78 28.19 7.57
CA SER D 175 22.64 28.76 6.21
C SER D 175 23.73 29.56 5.48
N THR D 176 24.92 28.94 5.47
CA THR D 176 26.17 29.49 4.94
C THR D 176 27.06 28.76 3.90
N TYR D 177 27.66 29.45 2.94
CA TYR D 177 28.57 28.87 1.96
C TYR D 177 30.07 28.73 2.32
N SER D 178 30.74 27.66 1.93
CA SER D 178 32.19 27.56 2.15
C SER D 178 33.02 27.11 0.98
N MET D 179 34.25 27.56 0.84
CA MET D 179 35.06 27.22 -0.31
C MET D 179 36.57 26.91 -0.08
N SER D 180 37.14 26.01 -0.84
CA SER D 180 38.58 25.74 -0.73
C SER D 180 39.08 25.95 -2.11
N SER D 181 40.16 26.71 -2.17
CA SER D 181 40.78 26.97 -3.45
C SER D 181 42.21 26.42 -3.39
N THR D 182 42.57 25.63 -4.38
CA THR D 182 43.86 24.97 -4.45
C THR D 182 44.80 25.31 -5.60
N LEU D 183 45.99 25.88 -5.41
CA LEU D 183 46.90 26.10 -6.53
C LEU D 183 48.02 25.08 -6.54
N THR D 184 48.13 24.32 -7.62
CA THR D 184 49.20 23.40 -7.68
C THR D 184 50.21 23.73 -8.73
N LEU D 185 51.34 23.96 -8.11
CA LEU D 185 52.60 24.23 -8.75
C LEU D 185 53.42 22.94 -8.66
N THR D 186 54.64 22.94 -9.19
CA THR D 186 55.61 21.84 -9.14
C THR D 186 56.68 22.17 -8.11
N LYS D 187 57.38 21.25 -7.43
CA LYS D 187 58.36 21.68 -6.42
C LYS D 187 59.38 22.72 -6.96
N ASP D 188 59.87 22.49 -8.19
CA ASP D 188 60.79 23.42 -8.83
C ASP D 188 60.29 24.87 -8.82
N GLU D 189 59.13 25.13 -9.38
CA GLU D 189 58.71 26.50 -9.39
C GLU D 189 58.08 26.99 -8.08
N TYR D 190 57.54 26.11 -7.24
CA TYR D 190 57.04 26.51 -5.92
C TYR D 190 58.20 27.12 -5.14
N GLU D 191 59.39 26.60 -5.37
CA GLU D 191 60.56 27.06 -4.64
C GLU D 191 61.50 28.10 -5.26
N ARG D 192 61.11 28.64 -6.40
CA ARG D 192 61.85 29.74 -7.01
C ARG D 192 61.10 31.05 -6.72
N HIS D 193 60.10 31.07 -5.82
CA HIS D 193 59.30 32.23 -5.41
C HIS D 193 59.03 32.30 -3.93
N ASN D 194 58.88 33.52 -3.42
CA ASN D 194 58.69 33.74 -1.99
C ASN D 194 57.25 33.82 -1.47
N SER D 195 56.45 34.71 -2.02
CA SER D 195 55.14 34.94 -1.41
C SER D 195 53.94 34.36 -2.07
N TYR D 196 53.11 33.71 -1.30
CA TYR D 196 51.92 33.14 -1.87
C TYR D 196 50.67 33.75 -1.24
N THR D 197 49.75 34.20 -2.09
CA THR D 197 48.56 34.93 -1.67
C THR D 197 47.23 34.41 -2.15
N CYS D 198 46.36 34.36 -1.18
CA CYS D 198 44.99 33.94 -1.39
C CYS D 198 44.16 35.21 -1.31
N GLU D 199 43.90 35.84 -2.46
CA GLU D 199 43.15 37.08 -2.56
C GLU D 199 41.68 36.84 -2.63
N ALA D 200 40.92 37.33 -1.70
CA ALA D 200 39.48 37.11 -1.69
C ALA D 200 38.63 38.38 -1.87
N THR D 201 37.67 38.27 -2.78
CA THR D 201 36.76 39.37 -3.09
C THR D 201 35.29 39.05 -2.92
N HIS D 202 34.74 39.74 -1.90
CA HIS D 202 33.40 39.48 -1.35
C HIS D 202 32.67 40.69 -0.77
N LYS D 203 31.40 40.90 -1.15
CA LYS D 203 30.53 41.99 -0.66
C LYS D 203 30.90 42.76 0.63
N THR D 204 30.78 41.99 1.68
CA THR D 204 31.10 42.36 3.06
C THR D 204 32.28 43.28 3.42
N SER D 205 33.36 43.24 2.63
CA SER D 205 34.52 44.11 2.87
C SER D 205 34.95 44.66 1.55
N THR D 206 34.81 45.96 1.41
CA THR D 206 35.13 46.62 0.14
C THR D 206 36.57 46.47 -0.39
N SER D 207 37.52 46.42 0.54
CA SER D 207 38.94 46.21 0.25
C SER D 207 39.20 44.70 0.35
N PRO D 208 39.89 44.00 -0.56
CA PRO D 208 39.94 42.53 -0.63
C PRO D 208 40.49 41.83 0.63
N ILE D 209 39.90 40.72 1.11
CA ILE D 209 40.43 40.03 2.29
C ILE D 209 41.61 39.24 1.76
N VAL D 210 42.83 39.53 2.16
CA VAL D 210 43.89 38.69 1.69
C VAL D 210 44.56 38.16 2.94
N LYS D 211 45.11 37.01 2.63
CA LYS D 211 45.78 36.17 3.60
C LYS D 211 46.85 35.51 2.73
N SER D 212 48.09 35.71 3.12
CA SER D 212 49.25 35.24 2.37
C SER D 212 50.39 34.86 3.28
N PHE D 213 51.39 34.10 2.82
CA PHE D 213 52.56 33.75 3.66
C PHE D 213 53.79 33.87 2.80
N ASN D 214 54.95 34.00 3.42
CA ASN D 214 56.20 34.16 2.68
C ASN D 214 57.26 33.16 3.16
N ARG D 215 58.51 33.22 2.65
CA ARG D 215 59.64 32.44 3.16
C ARG D 215 60.90 33.33 3.57
N GLN E 1 4.65 0.99 -4.85
CA GLN E 1 3.51 0.48 -5.60
C GLN E 1 4.20 0.13 -6.92
N VAL E 2 4.33 1.11 -7.79
CA VAL E 2 5.24 0.99 -8.91
C VAL E 2 6.60 1.23 -8.26
N GLN E 3 7.62 0.43 -8.57
CA GLN E 3 8.97 0.55 -8.05
C GLN E 3 9.93 0.30 -9.20
N LEU E 4 10.98 1.11 -9.33
CA LEU E 4 11.88 1.01 -10.47
C LEU E 4 13.39 0.98 -10.20
N LYS E 5 14.13 0.03 -10.81
CA LYS E 5 15.56 -0.11 -10.58
C LYS E 5 16.54 -0.13 -11.75
N GLU E 6 17.30 0.95 -11.63
CA GLU E 6 18.34 1.20 -12.59
C GLU E 6 19.54 0.41 -12.15
N SER E 7 20.15 -0.12 -13.18
CA SER E 7 21.28 -1.01 -13.03
C SER E 7 22.20 -0.85 -14.22
N GLY E 8 23.51 -0.85 -13.99
CA GLY E 8 24.49 -0.64 -15.06
C GLY E 8 25.99 -0.89 -14.70
N PRO E 9 26.96 -0.58 -15.55
CA PRO E 9 28.36 -0.90 -15.36
C PRO E 9 28.97 0.30 -14.66
N GLY E 10 29.41 0.15 -13.41
CA GLY E 10 29.86 1.26 -12.57
C GLY E 10 30.80 2.31 -13.17
N ILE E 11 31.76 1.79 -13.90
CA ILE E 11 32.83 2.54 -14.55
C ILE E 11 33.09 1.81 -15.85
N LEU E 12 33.26 2.61 -16.87
CA LEU E 12 33.79 2.06 -18.07
C LEU E 12 34.62 3.03 -18.87
N GLN E 13 35.69 2.57 -19.52
CA GLN E 13 36.46 3.40 -20.42
C GLN E 13 35.64 3.96 -21.58
N PRO E 14 36.20 4.97 -22.27
CA PRO E 14 35.75 5.49 -23.57
C PRO E 14 35.61 4.51 -24.70
N SER E 15 34.81 4.79 -25.71
CA SER E 15 34.53 3.94 -26.89
C SER E 15 33.66 2.75 -26.54
N GLN E 16 33.58 2.44 -25.27
CA GLN E 16 32.75 1.35 -24.87
C GLN E 16 31.28 1.65 -25.01
N THR E 17 30.60 0.51 -25.10
CA THR E 17 29.16 0.48 -25.14
C THR E 17 28.64 0.32 -23.74
N LEU E 18 27.81 1.26 -23.33
CA LEU E 18 27.24 1.19 -22.01
C LEU E 18 25.88 0.52 -22.03
N SER E 19 25.72 -0.57 -21.29
CA SER E 19 24.42 -1.24 -21.19
C SER E 19 23.76 -1.02 -19.86
N LEU E 20 22.54 -0.59 -19.97
CA LEU E 20 21.74 -0.13 -18.86
C LEU E 20 20.44 -0.85 -18.78
N THR E 21 20.09 -1.20 -17.57
CA THR E 21 18.87 -1.92 -17.38
C THR E 21 18.02 -1.21 -16.33
N CYS E 22 16.73 -1.25 -16.64
CA CYS E 22 15.70 -0.81 -15.71
C CYS E 22 14.75 -1.97 -15.66
N SER E 23 14.67 -2.53 -14.45
CA SER E 23 13.71 -3.57 -14.10
C SER E 23 12.67 -2.96 -13.17
N PHE E 24 11.42 -3.00 -13.63
CA PHE E 24 10.35 -2.38 -12.86
C PHE E 24 9.44 -3.30 -12.08
N SER E 25 8.44 -2.76 -11.42
CA SER E 25 7.44 -3.56 -10.78
C SER E 25 6.22 -2.73 -10.46
N GLY E 26 5.01 -3.21 -10.69
CA GLY E 26 3.83 -2.40 -10.37
C GLY E 26 2.99 -2.10 -11.56
N PHE E 27 3.61 -2.35 -12.68
CA PHE E 27 2.92 -2.22 -13.95
C PHE E 27 3.40 -3.26 -14.99
N SER E 28 2.63 -3.60 -16.01
CA SER E 28 3.14 -4.46 -17.06
C SER E 28 3.32 -3.62 -18.31
N LEU E 29 4.45 -3.77 -18.99
CA LEU E 29 4.58 -3.06 -20.24
C LEU E 29 3.56 -3.42 -21.31
N SER E 30 3.07 -4.62 -21.51
CA SER E 30 2.08 -4.89 -22.57
C SER E 30 0.68 -4.23 -22.44
N THR E 31 0.42 -3.51 -21.34
CA THR E 31 -0.82 -2.78 -21.10
C THR E 31 -0.83 -1.47 -21.88
N TYR E 32 -1.95 -1.27 -22.58
CA TYR E 32 -2.19 -0.04 -23.31
C TYR E 32 -1.80 1.16 -22.49
N GLY E 33 -1.00 2.05 -23.02
CA GLY E 33 -0.70 3.23 -22.24
C GLY E 33 0.49 3.08 -21.35
N MET E 34 1.11 1.92 -21.29
CA MET E 34 2.38 1.73 -20.59
C MET E 34 3.65 2.09 -21.35
N GLY E 35 4.67 2.49 -20.62
CA GLY E 35 5.88 2.99 -21.26
C GLY E 35 6.94 3.37 -20.25
N VAL E 36 8.22 3.26 -20.52
CA VAL E 36 9.29 3.57 -19.58
C VAL E 36 10.21 4.57 -20.25
N SER E 37 10.73 5.50 -19.48
CA SER E 37 11.57 6.53 -20.02
C SER E 37 12.94 6.51 -19.37
N TRP E 38 13.99 6.88 -20.11
CA TRP E 38 15.31 7.00 -19.56
C TRP E 38 15.72 8.48 -19.67
N ILE E 39 16.20 9.00 -18.54
CA ILE E 39 16.68 10.37 -18.35
C ILE E 39 18.10 10.44 -17.74
N ARG E 40 19.02 11.34 -18.04
CA ARG E 40 20.29 11.36 -17.33
C ARG E 40 20.48 12.71 -16.71
N GLN E 41 21.26 12.83 -15.65
CA GLN E 41 21.53 14.15 -15.10
C GLN E 41 23.02 14.26 -14.89
N PRO E 42 23.75 14.89 -15.79
CA PRO E 42 25.17 15.02 -15.68
C PRO E 42 25.61 15.61 -14.37
N SER E 43 26.75 15.16 -13.85
CA SER E 43 27.35 15.62 -12.59
C SER E 43 27.24 17.09 -12.20
N GLY E 44 26.29 17.36 -11.31
CA GLY E 44 26.00 18.71 -10.84
C GLY E 44 25.24 19.61 -11.86
N LYS E 45 24.66 19.04 -12.93
CA LYS E 45 24.00 19.82 -13.96
C LYS E 45 22.51 19.48 -14.08
N GLY E 46 21.82 19.68 -15.20
CA GLY E 46 20.38 19.44 -15.24
C GLY E 46 19.87 18.12 -15.81
N LEU E 47 18.58 17.90 -15.87
CA LEU E 47 18.07 16.67 -16.41
C LEU E 47 18.23 16.65 -17.93
N GLU E 48 18.20 15.49 -18.58
CA GLU E 48 18.23 15.38 -20.03
C GLU E 48 17.62 14.07 -20.51
N TRP E 49 16.44 14.17 -21.14
CA TRP E 49 15.74 13.05 -21.74
C TRP E 49 16.64 12.25 -22.68
N LEU E 50 16.54 10.92 -22.68
CA LEU E 50 17.36 10.12 -23.58
C LEU E 50 16.52 9.28 -24.54
N ALA E 51 15.58 8.49 -24.04
CA ALA E 51 14.71 7.70 -24.90
C ALA E 51 13.44 7.26 -24.19
N HIS E 52 12.50 6.71 -24.92
CA HIS E 52 11.26 6.24 -24.33
C HIS E 52 10.67 5.05 -25.07
N ILE E 53 10.16 3.98 -24.46
CA ILE E 53 9.54 2.88 -25.21
C ILE E 53 8.12 2.60 -24.72
N PHE E 54 7.12 2.55 -25.60
CA PHE E 54 5.70 2.40 -25.27
C PHE E 54 5.27 0.99 -25.51
N TRP E 55 4.30 0.46 -24.80
CA TRP E 55 3.72 -0.86 -25.02
C TRP E 55 3.66 -1.43 -26.44
N ASP E 56 3.32 -0.66 -27.47
CA ASP E 56 3.23 -1.19 -28.84
C ASP E 56 4.54 -1.22 -29.61
N GLY E 57 5.60 -0.88 -28.87
CA GLY E 57 6.96 -0.82 -29.38
C GLY E 57 7.39 0.50 -30.00
N ASP E 58 6.71 1.66 -29.83
CA ASP E 58 7.23 2.95 -30.36
C ASP E 58 8.45 3.34 -29.61
N LYS E 59 9.51 3.55 -30.33
CA LYS E 59 10.75 3.94 -29.68
C LYS E 59 10.87 5.41 -29.97
N ARG E 60 11.25 6.28 -29.03
CA ARG E 60 11.55 7.70 -29.33
C ARG E 60 12.91 8.14 -28.78
N TYR E 61 13.64 8.98 -29.48
CA TYR E 61 15.01 9.25 -29.14
C TYR E 61 15.36 10.72 -29.11
N ASN E 62 16.36 11.11 -28.37
CA ASN E 62 16.83 12.47 -28.40
C ASN E 62 17.68 12.69 -29.65
N PRO E 63 17.37 13.61 -30.57
CA PRO E 63 18.06 13.80 -31.82
C PRO E 63 19.52 14.03 -31.61
N SER E 64 20.06 14.74 -30.61
CA SER E 64 21.54 14.86 -30.48
C SER E 64 22.19 13.50 -30.43
N LEU E 65 21.56 12.64 -29.65
CA LEU E 65 22.07 11.33 -29.37
C LEU E 65 21.69 10.17 -30.27
N LYS E 66 20.45 10.02 -30.73
CA LYS E 66 19.94 8.85 -31.51
C LYS E 66 20.89 7.81 -32.13
N SER E 67 21.88 8.22 -32.91
CA SER E 67 22.87 7.33 -33.56
C SER E 67 23.61 6.48 -32.54
N ARG E 68 23.87 7.05 -31.36
CA ARG E 68 24.56 6.34 -30.28
C ARG E 68 23.61 5.58 -29.38
N LEU E 69 22.37 5.42 -29.73
CA LEU E 69 21.38 5.02 -28.73
C LEU E 69 20.34 4.03 -29.22
N LYS E 70 20.07 2.99 -28.45
CA LYS E 70 19.07 2.00 -28.80
C LYS E 70 18.19 1.67 -27.59
N ILE E 71 16.90 1.91 -27.54
CA ILE E 71 16.13 1.49 -26.37
C ILE E 71 15.42 0.21 -26.77
N SER E 72 15.03 -0.59 -25.78
CA SER E 72 14.33 -1.87 -26.06
C SER E 72 13.61 -2.50 -24.89
N LYS E 73 12.85 -3.56 -25.11
CA LYS E 73 12.14 -4.12 -24.01
C LYS E 73 12.15 -5.63 -23.99
N ASP E 74 11.79 -6.05 -22.78
CA ASP E 74 11.68 -7.41 -22.33
C ASP E 74 10.37 -7.47 -21.54
N THR E 75 9.27 -7.47 -22.33
CA THR E 75 7.94 -7.38 -21.73
C THR E 75 7.61 -8.45 -20.69
N SER E 76 7.63 -9.75 -20.98
CA SER E 76 7.31 -10.85 -20.03
C SER E 76 7.95 -10.86 -18.65
N ASN E 77 9.27 -10.56 -18.65
CA ASN E 77 10.12 -10.44 -17.45
C ASN E 77 10.46 -9.02 -16.98
N ASN E 78 9.54 -8.09 -17.25
CA ASN E 78 9.57 -6.69 -16.80
C ASN E 78 10.87 -5.88 -16.82
N GLN E 79 11.34 -5.63 -18.05
CA GLN E 79 12.58 -4.90 -18.28
C GLN E 79 12.66 -4.21 -19.60
N VAL E 80 13.34 -3.09 -19.49
CA VAL E 80 13.69 -2.24 -20.60
C VAL E 80 15.19 -1.91 -20.57
N PHE E 81 15.72 -1.70 -21.76
CA PHE E 81 17.14 -1.56 -21.97
C PHE E 81 17.63 -0.33 -22.73
N LEU E 82 18.62 0.27 -22.12
CA LEU E 82 19.26 1.39 -22.78
C LEU E 82 20.62 0.90 -23.17
N LYS E 83 20.99 1.11 -24.43
CA LYS E 83 22.32 0.83 -24.91
C LYS E 83 22.91 2.08 -25.55
N ILE E 84 24.08 2.52 -25.08
CA ILE E 84 24.74 3.72 -25.61
C ILE E 84 26.10 3.37 -26.17
N THR E 85 26.17 3.56 -27.49
CA THR E 85 27.27 3.04 -28.25
C THR E 85 28.67 3.62 -28.17
N SER E 86 29.08 4.88 -28.12
CA SER E 86 30.54 5.06 -27.92
C SER E 86 30.97 6.05 -26.87
N VAL E 87 30.53 5.69 -25.70
CA VAL E 87 30.77 6.42 -24.48
C VAL E 87 32.05 7.28 -24.38
N ASP E 88 31.95 8.52 -23.97
CA ASP E 88 33.13 9.36 -23.77
C ASP E 88 32.93 10.13 -22.50
N THR E 89 33.90 10.87 -21.94
CA THR E 89 33.70 11.45 -20.59
C THR E 89 32.37 12.14 -20.28
N ALA E 90 31.74 12.81 -21.24
CA ALA E 90 30.44 13.43 -21.02
C ALA E 90 29.27 12.53 -20.57
N ASP E 91 29.27 11.22 -20.81
CA ASP E 91 28.18 10.35 -20.36
C ASP E 91 28.20 10.01 -18.90
N THR E 92 29.21 10.46 -18.22
CA THR E 92 29.29 10.39 -16.76
C THR E 92 28.10 11.14 -16.16
N ALA E 93 27.17 10.38 -15.61
CA ALA E 93 25.91 10.91 -15.23
C ALA E 93 25.07 9.99 -14.34
N THR E 94 24.16 10.49 -13.50
CA THR E 94 23.25 9.64 -12.74
C THR E 94 22.06 9.33 -13.62
N TYR E 95 21.98 8.16 -14.27
CA TYR E 95 20.87 7.77 -15.13
C TYR E 95 19.65 7.28 -14.42
N TYR E 96 18.48 7.67 -14.90
CA TYR E 96 17.17 7.32 -14.34
C TYR E 96 16.28 6.55 -15.26
N CYS E 97 15.47 5.62 -14.80
CA CYS E 97 14.33 5.32 -15.63
C CYS E 97 13.09 5.81 -14.91
N VAL E 98 12.05 6.05 -15.70
CA VAL E 98 10.80 6.68 -15.27
C VAL E 98 9.60 6.02 -15.93
N GLN E 99 8.53 5.63 -15.24
CA GLN E 99 7.36 5.11 -15.89
C GLN E 99 6.62 6.11 -16.79
N GLU E 100 5.75 5.90 -17.76
CA GLU E 100 5.00 7.00 -18.40
C GLU E 100 4.04 7.57 -17.32
N GLY E 101 3.89 8.91 -17.23
CA GLY E 101 3.16 9.57 -16.16
C GLY E 101 4.18 10.38 -15.34
N TYR E 102 5.43 9.91 -15.28
CA TYR E 102 6.55 10.60 -14.62
C TYR E 102 6.44 10.95 -13.15
N ILE E 103 5.55 10.22 -12.50
CA ILE E 103 5.34 10.31 -11.05
C ILE E 103 6.24 9.36 -10.27
N TYR E 104 6.35 8.15 -10.82
CA TYR E 104 7.24 7.12 -10.28
C TYR E 104 8.53 7.11 -11.07
N TRP E 105 9.54 7.56 -10.34
CA TRP E 105 10.92 7.63 -10.79
C TRP E 105 11.80 6.60 -10.14
N GLY E 106 12.67 5.99 -10.92
CA GLY E 106 13.52 5.00 -10.31
C GLY E 106 14.66 5.71 -9.63
N GLN E 107 15.27 5.25 -8.57
CA GLN E 107 16.37 5.92 -7.87
C GLN E 107 17.67 6.38 -8.58
N GLY E 108 17.85 6.17 -9.87
CA GLY E 108 19.07 6.53 -10.59
C GLY E 108 20.32 5.66 -10.37
N THR E 109 21.21 5.60 -11.37
CA THR E 109 22.50 4.93 -11.22
C THR E 109 23.60 5.76 -11.83
N SER E 110 24.75 5.78 -11.18
CA SER E 110 25.96 6.36 -11.74
C SER E 110 26.66 5.46 -12.73
N VAL E 111 27.00 6.19 -13.75
CA VAL E 111 27.87 5.72 -14.79
C VAL E 111 28.98 6.75 -14.76
N THR E 112 30.21 6.25 -14.70
CA THR E 112 31.41 7.10 -14.78
C THR E 112 32.32 6.62 -15.90
N VAL E 113 32.70 7.49 -16.79
CA VAL E 113 33.55 6.96 -17.83
C VAL E 113 34.84 7.71 -17.98
N SER E 114 35.77 6.82 -17.71
CA SER E 114 37.13 7.27 -17.56
C SER E 114 38.16 6.33 -18.14
N SER E 115 39.35 6.82 -18.45
CA SER E 115 40.44 5.93 -18.83
C SER E 115 41.40 5.68 -17.66
N ALA E 116 41.05 6.27 -16.52
CA ALA E 116 41.76 6.07 -15.29
C ALA E 116 41.48 4.77 -14.51
N LYS E 117 42.62 4.16 -14.37
CA LYS E 117 42.68 2.97 -13.56
C LYS E 117 42.78 3.41 -12.12
N THR E 118 41.95 2.70 -11.39
CA THR E 118 41.87 2.87 -9.96
C THR E 118 43.17 3.20 -9.26
N THR E 119 43.27 4.46 -8.83
CA THR E 119 44.42 4.99 -8.06
C THR E 119 44.07 5.26 -6.59
N ALA E 120 44.97 4.87 -5.70
CA ALA E 120 44.80 5.10 -4.27
C ALA E 120 45.31 6.49 -3.95
N PRO E 121 44.81 7.24 -2.98
CA PRO E 121 45.12 8.66 -2.87
C PRO E 121 46.37 9.04 -2.09
N SER E 122 46.87 10.25 -2.24
CA SER E 122 47.92 10.72 -1.36
C SER E 122 47.27 11.61 -0.30
N VAL E 123 47.32 11.21 0.97
CA VAL E 123 46.68 11.99 2.03
C VAL E 123 47.64 12.97 2.72
N TYR E 124 47.72 14.27 2.38
CA TYR E 124 48.71 15.18 3.01
C TYR E 124 48.10 16.06 4.06
N PRO E 125 48.70 16.31 5.23
CA PRO E 125 48.07 16.99 6.34
C PRO E 125 48.21 18.49 6.20
N LEU E 126 47.28 19.33 6.59
CA LEU E 126 47.47 20.78 6.47
C LEU E 126 47.40 21.54 7.80
N ALA E 127 48.42 22.37 8.01
CA ALA E 127 48.57 23.06 9.26
C ALA E 127 49.15 24.49 9.18
N PRO E 128 48.96 25.35 10.20
CA PRO E 128 49.28 26.76 10.12
C PRO E 128 50.70 27.16 9.77
N VAL E 129 50.80 28.39 9.23
CA VAL E 129 52.07 29.06 8.98
C VAL E 129 52.74 29.56 10.31
N CYS E 130 52.86 28.69 11.33
CA CYS E 130 53.37 28.96 12.70
C CYS E 130 52.88 30.11 13.65
N GLY E 131 51.58 30.42 13.74
CA GLY E 131 51.09 31.52 14.59
C GLY E 131 49.60 31.60 15.05
N ASP E 132 49.29 32.82 15.58
CA ASP E 132 47.96 33.30 16.03
C ASP E 132 47.45 34.57 15.30
N THR E 133 46.33 34.34 14.60
CA THR E 133 45.55 35.32 13.85
C THR E 133 44.15 34.74 13.55
N THR E 134 43.24 35.68 13.16
CA THR E 134 41.76 35.58 13.07
C THR E 134 41.00 34.86 14.23
N GLY E 135 41.66 34.86 15.42
CA GLY E 135 41.15 34.30 16.68
C GLY E 135 41.97 33.31 17.55
N SER E 136 41.08 32.57 18.21
CA SER E 136 41.45 31.48 19.12
C SER E 136 41.26 30.14 18.46
N SER E 137 40.17 30.05 17.72
CA SER E 137 39.94 28.91 16.88
C SER E 137 41.05 29.00 15.82
N VAL E 138 41.51 27.80 15.51
CA VAL E 138 42.56 27.51 14.57
C VAL E 138 41.93 26.57 13.51
N THR E 139 42.07 26.89 12.24
CA THR E 139 41.64 25.96 11.20
C THR E 139 42.86 25.19 10.64
N LEU E 140 42.61 23.91 10.60
CA LEU E 140 43.52 22.85 10.20
C LEU E 140 42.88 22.14 8.99
N GLY E 141 43.61 21.41 8.18
CA GLY E 141 42.99 20.81 7.03
C GLY E 141 43.63 19.50 6.63
N CYS E 142 43.01 18.84 5.66
CA CYS E 142 43.49 17.56 5.15
C CYS E 142 43.32 17.49 3.65
N LEU E 143 44.41 17.40 2.90
CA LEU E 143 44.34 17.52 1.45
C LEU E 143 44.39 16.12 0.89
N VAL E 144 43.26 15.53 0.50
CA VAL E 144 43.32 14.20 -0.11
C VAL E 144 43.51 14.38 -1.63
N LYS E 145 44.70 14.25 -2.19
CA LYS E 145 44.85 14.48 -3.62
C LYS E 145 45.07 13.25 -4.52
N GLY E 146 44.63 13.21 -5.77
CA GLY E 146 45.04 12.16 -6.71
C GLY E 146 44.37 10.75 -6.73
N TYR E 147 43.06 10.62 -6.51
CA TYR E 147 42.43 9.30 -6.54
C TYR E 147 41.40 8.96 -7.60
N PHE E 148 41.28 7.68 -7.84
CA PHE E 148 40.26 7.23 -8.73
C PHE E 148 39.91 5.85 -8.22
N PRO E 149 38.65 5.45 -8.11
CA PRO E 149 37.44 6.20 -8.41
C PRO E 149 36.80 6.99 -7.26
N GLU E 150 35.55 7.38 -7.38
CA GLU E 150 34.85 7.89 -6.21
C GLU E 150 34.23 6.67 -5.48
N PRO E 151 34.08 6.58 -4.14
CA PRO E 151 34.43 7.58 -3.13
C PRO E 151 35.61 7.36 -2.18
N VAL E 152 36.05 8.48 -1.67
CA VAL E 152 36.96 8.52 -0.55
C VAL E 152 36.08 8.80 0.68
N THR E 153 36.29 8.26 1.87
CA THR E 153 35.62 8.79 3.05
C THR E 153 36.64 9.41 4.01
N LEU E 154 36.38 10.65 4.42
CA LEU E 154 37.17 11.43 5.38
C LEU E 154 36.56 11.61 6.77
N THR E 155 37.32 11.41 7.82
CA THR E 155 36.82 11.67 9.17
C THR E 155 37.95 12.28 9.97
N TRP E 156 37.61 12.96 11.04
CA TRP E 156 38.60 13.55 11.90
C TRP E 156 38.63 12.80 13.23
N ASN E 157 39.75 12.42 13.87
CA ASN E 157 39.77 11.65 15.11
C ASN E 157 38.77 10.47 15.19
N SER E 158 38.79 9.62 14.18
CA SER E 158 37.93 8.45 13.98
C SER E 158 36.43 8.58 13.83
N GLY E 159 35.89 9.80 13.91
CA GLY E 159 34.43 10.06 13.81
C GLY E 159 33.89 10.89 14.97
N SER E 160 34.69 11.06 15.99
CA SER E 160 34.32 11.86 17.13
C SER E 160 34.20 13.30 16.70
N LEU E 161 35.20 13.87 16.00
CA LEU E 161 35.14 15.26 15.52
C LEU E 161 34.31 15.60 14.27
N SER E 162 33.09 16.05 14.54
CA SER E 162 32.16 16.57 13.52
C SER E 162 32.08 18.08 13.57
N SER E 163 31.75 18.74 14.68
CA SER E 163 31.73 20.22 14.76
C SER E 163 33.01 20.92 14.40
N GLY E 164 32.76 21.78 13.43
CA GLY E 164 33.80 22.62 12.85
C GLY E 164 34.40 22.00 11.62
N VAL E 165 33.93 20.81 11.29
CA VAL E 165 34.36 20.09 10.10
C VAL E 165 33.61 20.60 8.85
N HIS E 166 34.32 20.81 7.73
CA HIS E 166 33.78 21.17 6.40
C HIS E 166 34.50 20.33 5.34
N THR E 167 33.92 19.26 4.83
CA THR E 167 34.54 18.45 3.80
C THR E 167 33.99 18.88 2.48
N PHE E 168 34.87 19.30 1.59
CA PHE E 168 34.50 19.80 0.27
C PHE E 168 34.24 18.74 -0.79
N PRO E 169 33.37 18.90 -1.79
CA PRO E 169 33.18 17.91 -2.86
C PRO E 169 34.30 17.67 -3.89
N ALA E 170 34.55 16.44 -4.27
CA ALA E 170 35.63 16.12 -5.22
C ALA E 170 35.57 16.58 -6.67
N VAL E 171 36.33 17.60 -6.98
CA VAL E 171 36.49 17.95 -8.38
C VAL E 171 37.77 17.33 -9.00
N LEU E 172 37.93 17.22 -10.34
CA LEU E 172 39.11 16.53 -10.87
C LEU E 172 40.23 17.02 -11.81
N GLN E 173 41.40 17.08 -11.18
CA GLN E 173 42.67 17.43 -11.84
C GLN E 173 43.11 16.24 -12.72
N SER E 174 42.90 16.41 -14.02
CA SER E 174 43.18 15.42 -15.06
C SER E 174 43.01 13.95 -14.74
N ASP E 175 41.82 13.45 -15.03
CA ASP E 175 41.41 12.07 -14.79
C ASP E 175 41.23 11.65 -13.34
N LEU E 176 41.95 12.31 -12.42
CA LEU E 176 41.91 12.00 -10.99
C LEU E 176 41.27 12.99 -9.99
N TYR E 177 40.80 12.52 -8.86
CA TYR E 177 40.19 13.38 -7.85
C TYR E 177 40.98 14.03 -6.73
N THR E 178 40.54 15.20 -6.33
CA THR E 178 41.08 15.79 -5.13
C THR E 178 39.97 16.25 -4.24
N LEU E 179 40.08 15.76 -3.00
CA LEU E 179 39.17 16.10 -1.93
C LEU E 179 39.90 16.98 -0.91
N SER E 180 39.14 17.65 -0.05
CA SER E 180 39.71 18.58 0.94
C SER E 180 38.83 18.80 2.18
N SER E 181 39.40 18.92 3.36
CA SER E 181 38.56 19.17 4.51
C SER E 181 39.18 20.13 5.44
N SER E 182 38.36 20.92 6.09
CA SER E 182 38.86 21.78 7.16
C SER E 182 38.26 21.40 8.48
N VAL E 183 38.93 21.64 9.58
CA VAL E 183 38.28 21.56 10.86
C VAL E 183 38.83 22.69 11.65
N THR E 184 37.89 23.41 12.25
CA THR E 184 38.21 24.50 13.17
C THR E 184 37.98 24.14 14.66
N VAL E 185 39.03 24.23 15.46
CA VAL E 185 39.06 23.88 16.89
C VAL E 185 39.75 25.00 17.64
N THR E 186 39.76 25.15 18.95
CA THR E 186 40.62 26.17 19.59
C THR E 186 42.09 25.80 19.78
N SER E 187 42.98 26.78 19.78
CA SER E 187 44.43 26.61 20.08
C SER E 187 44.85 25.93 21.42
N SER E 188 43.90 25.91 22.33
CA SER E 188 43.97 25.13 23.57
C SER E 188 43.83 23.61 23.32
N THR E 189 43.06 23.30 22.24
CA THR E 189 42.76 21.94 21.77
C THR E 189 43.96 21.58 20.92
N TRP E 190 44.24 22.43 19.96
CA TRP E 190 45.44 22.14 19.20
C TRP E 190 46.63 23.05 19.49
N PRO E 191 47.87 22.58 19.73
CA PRO E 191 48.35 21.21 19.72
C PRO E 191 48.04 20.13 20.75
N SER E 192 47.86 20.54 22.00
CA SER E 192 47.72 19.64 23.14
C SER E 192 46.96 18.32 22.90
N GLN E 193 45.70 18.45 22.53
CA GLN E 193 44.89 17.30 22.16
C GLN E 193 45.01 17.20 20.64
N SER E 194 45.72 16.14 20.33
CA SER E 194 46.05 15.68 18.99
C SER E 194 44.95 15.57 17.93
N ILE E 195 45.18 16.07 16.71
CA ILE E 195 44.12 15.95 15.71
C ILE E 195 44.61 15.11 14.57
N THR E 196 43.79 14.17 14.12
CA THR E 196 44.15 13.19 13.09
C THR E 196 43.09 12.94 12.03
N CYS E 197 43.43 13.38 10.84
CA CYS E 197 42.66 13.20 9.60
C CYS E 197 42.57 11.72 9.27
N ASN E 198 41.48 11.10 8.85
CA ASN E 198 41.38 9.66 8.54
C ASN E 198 40.65 9.48 7.23
N VAL E 199 41.35 8.86 6.30
CA VAL E 199 40.87 8.66 4.93
C VAL E 199 40.67 7.21 4.47
N ALA E 200 39.48 6.73 4.19
CA ALA E 200 39.35 5.39 3.62
C ALA E 200 39.07 5.34 2.10
N HIS E 201 40.01 4.82 1.30
CA HIS E 201 39.77 4.63 -0.11
C HIS E 201 39.55 3.19 -0.51
N PRO E 202 38.28 2.82 -0.43
CA PRO E 202 37.82 1.44 -0.47
C PRO E 202 38.23 0.73 -1.73
N ALA E 203 37.96 1.32 -2.89
CA ALA E 203 38.36 0.80 -4.19
C ALA E 203 39.84 0.43 -4.40
N SER E 204 40.65 0.73 -3.40
CA SER E 204 42.07 0.37 -3.36
C SER E 204 42.40 0.05 -1.89
N SER E 205 41.58 -0.78 -1.21
CA SER E 205 41.61 -0.97 0.26
C SER E 205 42.75 -0.43 1.10
N THR E 206 42.63 0.90 1.07
CA THR E 206 43.49 1.93 1.69
C THR E 206 42.82 2.67 2.83
N LYS E 207 43.36 2.69 4.05
CA LYS E 207 42.81 3.54 5.10
C LYS E 207 44.04 4.23 5.69
N VAL E 208 44.17 5.54 5.45
CA VAL E 208 45.27 6.38 5.91
C VAL E 208 44.98 7.29 7.15
N ASP E 209 45.90 7.56 8.06
CA ASP E 209 45.65 8.58 9.08
C ASP E 209 46.88 9.50 9.10
N LYS E 210 46.49 10.76 9.07
CA LYS E 210 47.44 11.81 9.10
C LYS E 210 47.09 12.61 10.34
N LYS E 211 48.14 12.69 11.15
CA LYS E 211 48.16 13.38 12.43
C LYS E 211 48.58 14.80 12.11
N ILE E 212 47.73 15.77 12.32
CA ILE E 212 48.09 17.15 12.08
C ILE E 212 48.86 17.54 13.33
N GLU E 213 50.06 17.98 12.98
CA GLU E 213 51.21 18.29 13.81
C GLU E 213 51.87 19.68 13.56
N PRO E 214 52.24 20.49 14.55
CA PRO E 214 52.84 21.82 14.38
C PRO E 214 54.11 21.74 13.54
N ARG E 215 54.52 22.89 13.07
CA ARG E 215 55.71 23.01 12.24
C ARG E 215 56.62 24.07 12.86
N CYS F 1 0.58 10.15 -34.51
CA CYS F 1 1.69 10.43 -33.58
C CYS F 1 1.15 10.62 -32.16
N LYS F 2 1.97 10.44 -31.13
CA LYS F 2 1.43 10.22 -29.80
C LYS F 2 2.27 10.64 -28.64
N ARG F 3 1.56 11.45 -27.93
CA ARG F 3 1.88 11.90 -26.59
C ARG F 3 2.76 11.11 -25.59
N ILE F 4 3.90 11.57 -25.07
CA ILE F 4 4.54 10.80 -23.99
C ILE F 4 3.78 11.33 -22.79
N HIS F 5 3.07 10.55 -22.01
CA HIS F 5 2.25 11.13 -20.96
C HIS F 5 3.00 11.49 -19.69
N ILE F 6 2.68 12.69 -19.20
CA ILE F 6 3.13 13.17 -17.90
C ILE F 6 1.97 13.64 -17.00
N GLY F 7 1.87 13.25 -15.74
CA GLY F 7 0.74 13.58 -14.87
C GLY F 7 0.10 12.34 -14.23
N PRO F 8 -1.11 12.28 -13.70
CA PRO F 8 -1.88 11.06 -13.47
C PRO F 8 -2.83 10.58 -14.55
N GLY F 9 -3.31 9.33 -14.43
CA GLY F 9 -4.21 8.75 -15.44
C GLY F 9 -3.53 8.41 -16.80
#